data_8XSA
#
_entry.id   8XSA
#
_cell.length_a   68.016
_cell.length_b   98.837
_cell.length_c   80.307
_cell.angle_alpha   90.00
_cell.angle_beta   90.41
_cell.angle_gamma   90.00
#
_symmetry.space_group_name_H-M   'P 1 21 1'
#
loop_
_entity.id
_entity.type
_entity.pdbx_description
1 polymer 'Aryl hydrocarbon receptor nuclear translocator'
2 polymer 'Aryl hydrocarbon receptor'
3 polymer DNAF
4 polymer DNAR
5 non-polymer 2,3-DIHYDROXY-1,4-DITHIOBUTANE
6 non-polymer 2-(3-oxidanyl-1H-indol-2-yl)indol-3-one
7 water water
#
loop_
_entity_poly.entity_id
_entity_poly.type
_entity_poly.pdbx_seq_one_letter_code
_entity_poly.pdbx_strand_id
1 'polypeptide(L)'
;MDKERLARENHSEIERRRRNKMTAYITELSDMVPTCSALARKPDKLTILRMAVSHMKSLRGTGNTSTDGSYKPSFLTDQE
LKHLILEAADGFLFIVSCETGRVVYVSDSVTPVLNQPQSEWFGSTLYDQVHPDDVDKLREQLSTSENALTGRILDLKTGT
VKKEGQQSSMRMCMGSRRSFICRMRCGSSSVDPVSVNRLSFVRNRCRNGLGSVKDGEPHFVVVHCTGYIKAWPPAGVSLP
DDDPEAGQGSKFCLVAIGRLQVTSSPNCTDMSNVCQPTEFISRHNIEGIFTFVDHRCVATVGYQPQELLGKNIVEFCHPE
DQQLLRDSFQQVVKLKGQVLSVMFRFRSKNQEWLWMRTSSFTFQNPYSDEIEYIICTNTNVK
;
A
2 'polypeptide(L)'
;MIPAEGIKSNPSKRHRDRLNTELDRLASLLPFPQDVINKLDKLSVLRLSVSYLRAKSFFDVSLKSSPADRNGVQDNCRTK
FREGLNLQEGEFLLQALNGFVLVVTTDALVFYASSTIQDYLGFQQSDVIHQSVYELIHTEDRAEFQRQLHWALNPSQCPD
SGQRIDEASGLSQPAAYYNPEQLPPENSFMERCFVCRLRCLLDNSSGFLAMNFQGRLKYLHGQNKKGKDGSILPPQLALF
AIATPLQPPSILEIRTKNFIFRTKHKLDFTPTGCDAKGKIVLGYTEAELCMRGTGYQFIHAADMLYCAEYHVRMIKTGES
GMIVFRLLTKDNRWTWVQSNARLVYKNGRPDYIIATQRPLTDEEGKEHLRKRTLKLPFMFATGEAVLYEHHHHHH
;
B
3 'polydeoxyribonucleotide'
;(DC)(DA)(DT)(DC)(DG)(DG)(DG)(DC)(DA)(DT)(DC)(DG)(DC)(DG)(DT)(DG)(DA)(DC)(DA)(DA)
(DG)
;
C
4 'polydeoxyribonucleotide'
;(DG)(DC)(DT)(DT)(DG)(DT)(DC)(DA)(DC)(DG)(DC)(DG)(DA)(DT)(DG)(DC)(DC)(DC)(DG)(DA)
(DT)
;
D
#
loop_
_chem_comp.id
_chem_comp.type
_chem_comp.name
_chem_comp.formula
A1LWK non-polymer 2-(3-oxidanyl-1H-indol-2-yl)indol-3-one 'C16 H10 N2 O2'
DA DNA linking 2'-DEOXYADENOSINE-5'-MONOPHOSPHATE 'C10 H14 N5 O6 P'
DC DNA linking 2'-DEOXYCYTIDINE-5'-MONOPHOSPHATE 'C9 H14 N3 O7 P'
DG DNA linking 2'-DEOXYGUANOSINE-5'-MONOPHOSPHATE 'C10 H14 N5 O7 P'
DT DNA linking THYMIDINE-5'-MONOPHOSPHATE 'C10 H15 N2 O8 P'
DTT non-polymer 2,3-DIHYDROXY-1,4-DITHIOBUTANE 'C4 H10 O2 S2'
#
# COMPACT_ATOMS: atom_id res chain seq x y z
N MET A 1 4.21 -21.66 47.54
CA MET A 1 3.65 -21.90 48.89
C MET A 1 2.37 -22.72 48.76
N ASP A 2 1.45 -22.69 49.73
CA ASP A 2 0.23 -23.51 49.61
C ASP A 2 -0.50 -23.17 48.31
N LYS A 3 -0.65 -24.16 47.44
CA LYS A 3 -1.23 -24.04 46.09
C LYS A 3 -2.69 -23.62 46.13
N GLU A 4 -3.42 -24.04 47.15
CA GLU A 4 -4.85 -23.73 47.32
C GLU A 4 -5.01 -22.29 47.80
N ARG A 5 -4.15 -21.85 48.73
CA ARG A 5 -4.18 -20.49 49.23
C ARG A 5 -3.78 -19.48 48.14
N LEU A 6 -2.76 -19.82 47.36
CA LEU A 6 -2.34 -18.91 46.29
C LEU A 6 -3.39 -18.84 45.18
N ALA A 7 -4.01 -19.97 44.86
CA ALA A 7 -5.13 -19.94 43.92
C ALA A 7 -6.24 -19.02 44.42
N ARG A 8 -6.57 -19.14 45.71
CA ARG A 8 -7.63 -18.32 46.28
C ARG A 8 -7.27 -16.84 46.24
N GLU A 9 -6.02 -16.51 46.56
CA GLU A 9 -5.63 -15.10 46.59
C GLU A 9 -5.58 -14.51 45.19
N ASN A 10 -5.03 -15.25 44.22
CA ASN A 10 -5.07 -14.79 42.84
C ASN A 10 -6.51 -14.55 42.39
N HIS A 11 -7.41 -15.46 42.73
CA HIS A 11 -8.80 -15.31 42.31
C HIS A 11 -9.44 -14.09 42.97
N SER A 12 -9.20 -13.90 44.26
CA SER A 12 -9.77 -12.76 44.97
C SER A 12 -9.27 -11.45 44.37
N GLU A 13 -7.99 -11.38 44.02
CA GLU A 13 -7.49 -10.14 43.45
C GLU A 13 -7.99 -9.95 42.02
N ILE A 14 -8.24 -11.04 41.29
CA ILE A 14 -8.84 -10.91 39.96
C ILE A 14 -10.23 -10.30 40.08
N GLU A 15 -11.03 -10.81 41.02
CA GLU A 15 -12.37 -10.26 41.24
C GLU A 15 -12.31 -8.81 41.72
N ARG A 16 -11.29 -8.48 42.53
CA ARG A 16 -11.13 -7.11 42.98
C ARG A 16 -10.83 -6.17 41.82
N ARG A 17 -9.90 -6.57 40.94
CA ARG A 17 -9.62 -5.77 39.75
C ARG A 17 -10.86 -5.61 38.89
N ARG A 18 -11.67 -6.67 38.78
CA ARG A 18 -12.91 -6.59 38.01
C ARG A 18 -13.85 -5.54 38.59
N ARG A 19 -14.04 -5.56 39.92
CA ARG A 19 -14.88 -4.57 40.57
C ARG A 19 -14.35 -3.16 40.34
N ASN A 20 -13.02 -2.99 40.44
CA ASN A 20 -12.44 -1.66 40.27
C ASN A 20 -12.63 -1.15 38.86
N LYS A 21 -12.51 -2.03 37.86
CA LYS A 21 -12.71 -1.61 36.48
C LYS A 21 -14.18 -1.27 36.21
N MET A 22 -15.10 -2.03 36.82
CA MET A 22 -16.51 -1.66 36.71
C MET A 22 -16.77 -0.27 37.28
N THR A 23 -16.20 0.02 38.45
CA THR A 23 -16.35 1.33 39.05
C THR A 23 -15.76 2.43 38.17
N ALA A 24 -14.59 2.16 37.57
CA ALA A 24 -13.95 3.15 36.72
C ALA A 24 -14.79 3.44 35.48
N TYR A 25 -15.37 2.40 34.87
CA TYR A 25 -16.23 2.59 33.71
C TYR A 25 -17.49 3.37 34.08
N ILE A 26 -18.03 3.14 35.28
CA ILE A 26 -19.20 3.90 35.71
C ILE A 26 -18.84 5.37 35.92
N THR A 27 -17.65 5.63 36.45
CA THR A 27 -17.20 7.02 36.59
C THR A 27 -17.04 7.67 35.22
N GLU A 28 -16.47 6.95 34.26
CA GLU A 28 -16.39 7.47 32.90
C GLU A 28 -17.78 7.82 32.37
N LEU A 29 -18.75 6.92 32.57
CA LEU A 29 -20.12 7.20 32.14
C LEU A 29 -20.63 8.48 32.76
N SER A 30 -20.39 8.66 34.07
CA SER A 30 -20.83 9.89 34.73
C SER A 30 -20.18 11.12 34.12
N ASP A 31 -18.94 10.99 33.65
CA ASP A 31 -18.30 12.10 32.94
C ASP A 31 -18.88 12.30 31.55
N MET A 32 -19.47 11.28 30.95
CA MET A 32 -19.83 11.32 29.54
C MET A 32 -21.30 11.68 29.28
N VAL A 33 -22.15 11.68 30.29
CA VAL A 33 -23.56 11.98 30.03
C VAL A 33 -23.86 13.38 30.57
N PRO A 34 -24.92 14.05 30.07
CA PRO A 34 -25.12 15.49 30.36
C PRO A 34 -25.29 16.02 31.77
N THR A 35 -26.39 15.65 32.43
CA THR A 35 -26.69 16.18 33.76
C THR A 35 -25.83 15.57 34.86
N CYS A 36 -25.08 14.51 34.57
CA CYS A 36 -24.35 13.80 35.61
C CYS A 36 -23.16 14.63 36.12
N SER A 37 -22.20 14.91 35.22
CA SER A 37 -21.00 15.62 35.62
C SER A 37 -21.28 17.06 36.07
N ALA A 38 -22.45 17.60 35.73
CA ALA A 38 -22.83 18.93 36.16
C ALA A 38 -23.28 18.95 37.62
N LYS A 42 -23.21 13.87 44.81
CA LYS A 42 -22.99 13.41 43.44
C LYS A 42 -23.50 11.97 43.30
N PRO A 43 -23.89 11.59 42.08
CA PRO A 43 -24.78 10.44 41.92
C PRO A 43 -24.10 9.09 42.19
N ASP A 44 -24.92 8.13 42.61
CA ASP A 44 -24.47 6.77 42.86
C ASP A 44 -24.54 5.97 41.55
N LYS A 45 -24.26 4.67 41.63
CA LYS A 45 -24.09 3.87 40.42
C LYS A 45 -25.39 3.74 39.63
N LEU A 46 -26.51 3.55 40.32
CA LEU A 46 -27.78 3.27 39.63
C LEU A 46 -28.24 4.47 38.81
N THR A 47 -28.19 5.67 39.39
CA THR A 47 -28.61 6.85 38.64
C THR A 47 -27.66 7.12 37.47
N ILE A 48 -26.36 6.91 37.67
CA ILE A 48 -25.42 7.06 36.55
C ILE A 48 -25.79 6.12 35.41
N LEU A 49 -26.09 4.86 35.75
CA LEU A 49 -26.44 3.89 34.72
C LEU A 49 -27.76 4.25 34.03
N ARG A 50 -28.74 4.75 34.79
CA ARG A 50 -30.01 5.12 34.18
C ARG A 50 -29.86 6.34 33.26
N MET A 51 -29.10 7.35 33.70
CA MET A 51 -28.84 8.50 32.85
C MET A 51 -28.06 8.11 31.60
N ALA A 52 -27.12 7.16 31.74
CA ALA A 52 -26.40 6.68 30.57
C ALA A 52 -27.34 5.96 29.60
N VAL A 53 -28.26 5.15 30.12
CA VAL A 53 -29.25 4.49 29.27
C VAL A 53 -30.06 5.52 28.50
N SER A 54 -30.50 6.58 29.20
CA SER A 54 -31.30 7.61 28.54
C SER A 54 -30.49 8.34 27.47
N HIS A 55 -29.24 8.69 27.77
CA HIS A 55 -28.41 9.40 26.81
C HIS A 55 -28.12 8.54 25.58
N MET A 56 -27.85 7.24 25.79
CA MET A 56 -27.63 6.35 24.65
C MET A 56 -28.89 6.15 23.84
N LYS A 57 -30.06 6.10 24.49
CA LYS A 57 -31.31 6.08 23.74
C LYS A 57 -31.45 7.34 22.89
N SER A 58 -31.08 8.49 23.45
CA SER A 58 -31.06 9.72 22.66
C SER A 58 -30.18 9.56 21.43
N LEU A 59 -28.94 9.11 21.64
CA LEU A 59 -27.96 9.06 20.55
C LEU A 59 -28.34 8.05 19.48
N ARG A 60 -29.03 6.97 19.86
CA ARG A 60 -29.41 5.95 18.90
C ARG A 60 -30.89 6.08 18.53
N PRO A 73 -26.09 -3.13 12.25
CA PRO A 73 -25.75 -1.86 12.91
C PRO A 73 -24.24 -1.68 13.06
N SER A 74 -23.74 -0.52 12.69
CA SER A 74 -22.33 -0.20 12.79
C SER A 74 -22.06 0.65 14.02
N PHE A 75 -20.84 0.56 14.53
CA PHE A 75 -20.47 1.39 15.68
C PHE A 75 -20.52 2.88 15.31
N LEU A 76 -20.02 3.23 14.13
CA LEU A 76 -20.09 4.58 13.60
C LEU A 76 -21.08 4.65 12.44
N THR A 77 -21.59 5.86 12.20
CA THR A 77 -22.31 6.09 10.97
C THR A 77 -21.33 6.11 9.79
N ASP A 78 -21.89 6.05 8.58
CA ASP A 78 -21.06 6.16 7.40
C ASP A 78 -20.28 7.47 7.39
N GLN A 79 -20.93 8.55 7.82
CA GLN A 79 -20.27 9.86 7.84
C GLN A 79 -19.16 9.91 8.87
N GLU A 80 -19.36 9.30 10.04
CA GLU A 80 -18.31 9.26 11.06
C GLU A 80 -17.11 8.45 10.59
N LEU A 81 -17.35 7.30 9.97
CA LEU A 81 -16.26 6.51 9.41
C LEU A 81 -15.49 7.30 8.38
N LYS A 82 -16.20 7.92 7.44
CA LYS A 82 -15.54 8.75 6.43
C LYS A 82 -14.72 9.86 7.07
N HIS A 83 -15.29 10.51 8.10
CA HIS A 83 -14.59 11.58 8.80
C HIS A 83 -13.28 11.08 9.38
N LEU A 84 -13.32 9.94 10.07
CA LEU A 84 -12.09 9.40 10.67
C LEU A 84 -11.05 9.07 9.60
N ILE A 85 -11.48 8.46 8.48
CA ILE A 85 -10.52 8.08 7.44
C ILE A 85 -9.85 9.31 6.84
N LEU A 86 -10.64 10.33 6.50
CA LEU A 86 -10.09 11.53 5.89
C LEU A 86 -9.28 12.35 6.89
N GLU A 87 -9.65 12.32 8.17
CA GLU A 87 -8.83 12.95 9.19
C GLU A 87 -7.48 12.23 9.32
N ALA A 88 -7.48 10.91 9.11
CA ALA A 88 -6.25 10.16 9.21
C ALA A 88 -5.30 10.48 8.06
N ALA A 89 -5.77 10.43 6.81
CA ALA A 89 -4.82 10.54 5.71
C ALA A 89 -5.45 11.08 4.43
N ASP A 90 -6.35 12.04 4.57
CA ASP A 90 -6.87 12.83 3.43
C ASP A 90 -7.43 11.89 2.35
N GLY A 91 -7.32 12.29 1.08
CA GLY A 91 -7.73 11.47 -0.03
C GLY A 91 -9.16 11.75 -0.48
N PHE A 92 -9.48 11.28 -1.67
CA PHE A 92 -10.84 11.33 -2.19
C PHE A 92 -11.16 10.00 -2.83
N LEU A 93 -12.41 9.57 -2.69
CA LEU A 93 -12.88 8.33 -3.27
C LEU A 93 -13.34 8.55 -4.70
N PHE A 94 -12.99 7.61 -5.57
CA PHE A 94 -13.58 7.56 -6.90
C PHE A 94 -13.89 6.13 -7.27
N ILE A 95 -14.99 5.95 -7.99
CA ILE A 95 -15.43 4.66 -8.51
C ILE A 95 -15.53 4.82 -10.01
N VAL A 96 -14.66 4.13 -10.74
CA VAL A 96 -14.65 4.16 -12.20
C VAL A 96 -14.95 2.76 -12.72
N SER A 97 -15.45 2.69 -13.95
CA SER A 97 -15.64 1.40 -14.59
C SER A 97 -14.35 0.95 -15.28
N CYS A 98 -14.13 -0.37 -15.30
CA CYS A 98 -12.87 -0.94 -15.81
C CYS A 98 -12.82 -0.99 -17.33
N GLU A 99 -13.97 -1.09 -17.99
CA GLU A 99 -13.93 -1.25 -19.43
C GLU A 99 -13.66 0.08 -20.14
N THR A 100 -14.12 1.20 -19.58
CA THR A 100 -14.01 2.48 -20.25
C THR A 100 -13.42 3.58 -19.38
N GLY A 101 -13.07 3.30 -18.12
CA GLY A 101 -12.56 4.33 -17.23
C GLY A 101 -13.62 5.32 -16.82
N ARG A 102 -14.88 5.04 -17.16
CA ARG A 102 -15.97 5.99 -16.93
C ARG A 102 -16.17 6.25 -15.44
N VAL A 103 -16.21 7.52 -15.07
CA VAL A 103 -16.37 7.89 -13.66
C VAL A 103 -17.82 7.63 -13.26
N VAL A 104 -18.02 6.65 -12.41
CA VAL A 104 -19.36 6.36 -11.88
C VAL A 104 -19.65 7.21 -10.66
N TYR A 105 -18.64 7.40 -9.81
CA TYR A 105 -18.83 8.18 -8.59
C TYR A 105 -17.54 8.89 -8.24
N VAL A 106 -17.67 10.07 -7.66
CA VAL A 106 -16.54 10.80 -7.08
C VAL A 106 -17.04 11.51 -5.83
N SER A 107 -16.21 11.51 -4.78
CA SER A 107 -16.60 12.17 -3.54
C SER A 107 -16.32 13.68 -3.63
N ASP A 108 -16.98 14.43 -2.75
CA ASP A 108 -16.73 15.86 -2.66
C ASP A 108 -15.31 16.16 -2.22
N SER A 109 -14.64 15.20 -1.58
CA SER A 109 -13.24 15.35 -1.20
C SER A 109 -12.33 15.64 -2.39
N VAL A 110 -12.81 15.41 -3.62
CA VAL A 110 -12.00 15.75 -4.79
C VAL A 110 -11.75 17.24 -4.86
N THR A 111 -12.61 18.08 -4.25
CA THR A 111 -12.38 19.52 -4.28
C THR A 111 -11.19 19.92 -3.42
N PRO A 112 -11.05 19.50 -2.16
CA PRO A 112 -9.84 19.82 -1.41
C PRO A 112 -8.60 19.06 -1.85
N VAL A 113 -8.74 17.98 -2.61
CA VAL A 113 -7.56 17.22 -3.04
C VAL A 113 -6.99 17.77 -4.34
N LEU A 114 -7.82 17.94 -5.36
CA LEU A 114 -7.37 18.35 -6.68
C LEU A 114 -7.79 19.76 -7.06
N ASN A 115 -8.52 20.47 -6.21
CA ASN A 115 -9.13 21.75 -6.58
C ASN A 115 -9.97 21.62 -7.83
N GLN A 116 -10.68 20.50 -7.94
CA GLN A 116 -11.64 20.28 -9.01
C GLN A 116 -13.04 20.14 -8.42
N PRO A 117 -14.06 20.67 -9.08
CA PRO A 117 -15.42 20.47 -8.59
C PRO A 117 -15.84 19.03 -8.78
N GLN A 118 -16.89 18.59 -8.12
CA GLN A 118 -17.38 17.22 -8.40
C GLN A 118 -17.85 17.14 -9.85
N SER A 119 -18.32 18.24 -10.41
CA SER A 119 -18.87 18.33 -11.79
C SER A 119 -17.84 18.03 -12.88
N GLU A 120 -16.55 18.17 -12.63
CA GLU A 120 -15.56 17.89 -13.68
C GLU A 120 -15.24 16.40 -13.73
N TRP A 121 -15.52 15.60 -12.69
CA TRP A 121 -15.29 14.18 -12.84
C TRP A 121 -16.52 13.41 -13.30
N PHE A 122 -17.73 13.85 -12.96
CA PHE A 122 -18.93 13.17 -13.45
C PHE A 122 -19.07 13.37 -14.95
N GLY A 123 -19.66 12.37 -15.62
CA GLY A 123 -19.70 12.35 -17.07
C GLY A 123 -18.34 12.34 -17.73
N SER A 124 -17.28 12.09 -16.97
CA SER A 124 -15.90 12.10 -17.44
C SER A 124 -15.33 10.67 -17.41
N THR A 125 -14.02 10.59 -17.66
CA THR A 125 -13.31 9.32 -17.69
C THR A 125 -12.01 9.49 -16.93
N LEU A 126 -11.61 8.44 -16.19
CA LEU A 126 -10.35 8.50 -15.46
C LEU A 126 -9.18 8.79 -16.38
N TYR A 127 -9.24 8.29 -17.62
CA TYR A 127 -8.21 8.61 -18.60
C TYR A 127 -8.21 10.10 -18.93
N ASP A 128 -9.39 10.73 -18.96
CA ASP A 128 -9.48 12.16 -19.22
C ASP A 128 -8.95 13.00 -18.06
N GLN A 129 -8.77 12.41 -16.89
CA GLN A 129 -8.36 13.17 -15.71
C GLN A 129 -6.89 13.02 -15.38
N VAL A 130 -6.18 12.09 -16.04
CA VAL A 130 -4.78 11.83 -15.75
C VAL A 130 -3.91 12.41 -16.85
N HIS A 131 -2.61 12.37 -16.62
CA HIS A 131 -1.66 12.82 -17.63
C HIS A 131 -1.62 11.82 -18.79
N PRO A 132 -1.58 12.32 -20.04
CA PRO A 132 -1.53 11.39 -21.18
C PRO A 132 -0.41 10.37 -21.10
N ASP A 133 0.78 10.77 -20.66
CA ASP A 133 1.88 9.82 -20.50
C ASP A 133 1.52 8.67 -19.57
N ASP A 134 0.45 8.80 -18.79
CA ASP A 134 0.03 7.78 -17.84
C ASP A 134 -1.11 6.90 -18.35
N VAL A 135 -1.78 7.29 -19.45
CA VAL A 135 -3.04 6.63 -19.81
C VAL A 135 -2.81 5.14 -20.01
N ASP A 136 -1.75 4.77 -20.73
CA ASP A 136 -1.41 3.36 -20.92
C ASP A 136 -1.35 2.64 -19.59
N LYS A 137 -0.56 3.18 -18.65
CA LYS A 137 -0.45 2.57 -17.33
C LYS A 137 -1.83 2.36 -16.71
N LEU A 138 -2.70 3.37 -16.82
CA LEU A 138 -4.06 3.26 -16.29
C LEU A 138 -4.77 2.02 -16.83
N ARG A 139 -4.68 1.80 -18.14
CA ARG A 139 -5.29 0.61 -18.73
C ARG A 139 -4.78 -0.66 -18.06
N GLU A 140 -3.47 -0.74 -17.82
CA GLU A 140 -2.93 -1.90 -17.11
C GLU A 140 -3.66 -2.13 -15.79
N GLN A 141 -3.93 -1.05 -15.04
CA GLN A 141 -4.58 -1.19 -13.75
C GLN A 141 -6.06 -1.48 -13.86
N LEU A 142 -6.69 -1.17 -14.99
CA LEU A 142 -8.13 -1.36 -15.16
C LEU A 142 -8.49 -2.65 -15.87
N SER A 143 -7.53 -3.36 -16.46
CA SER A 143 -7.82 -4.56 -17.22
C SER A 143 -8.17 -5.73 -16.30
N THR A 144 -9.04 -6.61 -16.79
CA THR A 144 -9.53 -7.77 -16.05
C THR A 144 -10.03 -7.40 -14.66
N MET A 174 -6.63 -8.90 1.37
CA MET A 174 -6.61 -9.39 0.00
C MET A 174 -7.81 -8.86 -0.76
N GLY A 175 -8.04 -9.37 -1.97
CA GLY A 175 -9.24 -9.05 -2.72
C GLY A 175 -9.03 -8.34 -4.04
N SER A 176 -8.08 -8.85 -4.83
CA SER A 176 -7.63 -8.21 -6.07
C SER A 176 -7.46 -6.71 -5.89
N ARG A 177 -6.46 -6.32 -5.11
CA ARG A 177 -6.18 -4.93 -4.84
C ARG A 177 -5.49 -4.28 -6.04
N ARG A 178 -5.42 -2.96 -6.00
CA ARG A 178 -4.69 -2.16 -6.98
C ARG A 178 -3.99 -1.04 -6.24
N SER A 179 -2.73 -0.79 -6.59
CA SER A 179 -1.94 0.24 -5.92
C SER A 179 -1.01 0.86 -6.95
N PHE A 180 -1.28 2.11 -7.32
CA PHE A 180 -0.48 2.71 -8.37
C PHE A 180 -0.30 4.20 -8.09
N ILE A 181 0.44 4.86 -8.99
CA ILE A 181 0.75 6.28 -8.88
C ILE A 181 0.49 6.90 -10.24
N CYS A 182 -0.15 8.07 -10.27
CA CYS A 182 -0.49 8.70 -11.54
C CYS A 182 -0.39 10.21 -11.36
N ARG A 183 -0.73 10.95 -12.41
CA ARG A 183 -0.70 12.40 -12.38
C ARG A 183 -2.07 12.92 -12.79
N MET A 184 -2.73 13.63 -11.89
CA MET A 184 -4.08 14.12 -12.13
C MET A 184 -4.08 15.63 -12.33
N ARG A 185 -5.04 16.10 -13.13
CA ARG A 185 -5.17 17.52 -13.43
C ARG A 185 -5.81 18.25 -12.25
N CYS A 186 -5.46 19.54 -12.10
CA CYS A 186 -5.88 20.35 -10.97
C CYS A 186 -6.46 21.67 -11.45
N GLY A 187 -6.95 22.46 -10.49
CA GLY A 187 -7.74 23.65 -10.75
C GLY A 187 -7.14 24.71 -11.67
N SER A 188 -6.06 25.35 -11.23
CA SER A 188 -5.43 26.43 -11.99
C SER A 188 -6.42 27.55 -12.32
N GLY A 216 -4.28 29.70 -14.58
CA GLY A 216 -3.05 29.29 -15.23
C GLY A 216 -3.22 28.39 -16.45
N GLU A 217 -2.38 27.36 -16.53
CA GLU A 217 -2.34 26.42 -17.63
C GLU A 217 -2.71 25.03 -17.12
N PRO A 218 -2.63 23.98 -17.95
CA PRO A 218 -2.75 22.63 -17.38
C PRO A 218 -1.82 22.43 -16.19
N HIS A 219 -2.38 21.95 -15.09
CA HIS A 219 -1.64 21.75 -13.84
C HIS A 219 -1.85 20.31 -13.38
N PHE A 220 -0.75 19.58 -13.21
CA PHE A 220 -0.80 18.18 -12.85
C PHE A 220 -0.09 17.97 -11.51
N VAL A 221 -0.62 17.03 -10.73
CA VAL A 221 -0.07 16.67 -9.43
C VAL A 221 -0.03 15.16 -9.31
N VAL A 222 1.06 14.66 -8.72
CA VAL A 222 1.19 13.22 -8.48
C VAL A 222 0.17 12.79 -7.42
N VAL A 223 -0.51 11.68 -7.69
CA VAL A 223 -1.56 11.15 -6.83
C VAL A 223 -1.35 9.66 -6.67
N HIS A 224 -1.22 9.20 -5.43
N HIS A 224 -1.23 9.20 -5.42
CA HIS A 224 -1.13 7.77 -5.13
CA HIS A 224 -1.14 7.79 -5.10
C HIS A 224 -2.54 7.22 -4.95
C HIS A 224 -2.55 7.22 -4.95
N CYS A 225 -2.82 6.11 -5.64
CA CYS A 225 -4.15 5.54 -5.71
C CYS A 225 -4.13 4.14 -5.12
N THR A 226 -5.08 3.88 -4.23
CA THR A 226 -5.23 2.58 -3.58
C THR A 226 -6.67 2.14 -3.74
N GLY A 227 -6.89 0.96 -4.32
CA GLY A 227 -8.26 0.57 -4.57
C GLY A 227 -8.42 -0.93 -4.76
N TYR A 228 -9.60 -1.30 -5.23
CA TYR A 228 -9.94 -2.70 -5.41
C TYR A 228 -11.01 -2.84 -6.50
N ILE A 229 -11.09 -4.05 -7.06
CA ILE A 229 -12.05 -4.36 -8.10
C ILE A 229 -13.30 -4.93 -7.45
N LYS A 230 -14.46 -4.41 -7.85
CA LYS A 230 -15.74 -4.76 -7.25
C LYS A 230 -16.73 -5.11 -8.34
N ALA A 231 -17.45 -6.21 -8.14
CA ALA A 231 -18.52 -6.57 -9.05
C ALA A 231 -19.63 -5.54 -8.97
N TRP A 232 -20.11 -5.12 -10.14
CA TRP A 232 -21.09 -4.06 -10.30
C TRP A 232 -22.41 -4.64 -10.79
N PRO A 233 -23.56 -4.10 -10.36
CA PRO A 233 -23.73 -2.98 -9.44
C PRO A 233 -23.59 -3.41 -7.97
N PRO A 234 -23.43 -2.45 -7.06
CA PRO A 234 -23.23 -2.81 -5.65
C PRO A 234 -24.55 -3.16 -4.97
N ALA A 235 -24.44 -4.07 -4.00
CA ALA A 235 -25.64 -4.53 -3.31
C ALA A 235 -26.21 -3.42 -2.43
N GLY A 236 -27.53 -3.44 -2.26
CA GLY A 236 -28.22 -2.50 -1.43
C GLY A 236 -28.47 -1.13 -2.03
N VAL A 237 -27.77 -0.77 -3.10
CA VAL A 237 -27.96 0.51 -3.77
C VAL A 237 -29.00 0.34 -4.87
N SER A 238 -30.06 1.13 -4.81
CA SER A 238 -31.08 1.06 -5.83
C SER A 238 -30.58 1.69 -7.13
N LEU A 239 -30.82 0.99 -8.24
CA LEU A 239 -30.50 1.48 -9.58
C LEU A 239 -31.82 1.66 -10.34
N PRO A 240 -32.42 2.84 -10.27
CA PRO A 240 -33.76 3.02 -10.85
C PRO A 240 -33.74 2.88 -12.36
N ASP A 241 -34.94 2.80 -12.93
CA ASP A 241 -35.05 2.50 -14.35
C ASP A 241 -34.58 3.68 -15.20
N ASP A 242 -34.90 4.89 -14.78
CA ASP A 242 -34.57 6.11 -15.49
C ASP A 242 -33.27 6.76 -15.00
N ASP A 243 -32.44 6.02 -14.27
CA ASP A 243 -31.17 6.58 -13.84
C ASP A 243 -30.15 6.52 -14.98
N PRO A 244 -29.25 7.51 -15.07
CA PRO A 244 -28.19 7.44 -16.08
C PRO A 244 -27.38 6.15 -16.02
N GLU A 245 -27.32 5.50 -14.88
CA GLU A 245 -26.46 4.30 -14.74
C GLU A 245 -27.15 3.03 -15.25
N ALA A 246 -28.44 3.12 -15.54
CA ALA A 246 -29.27 1.96 -15.96
C ALA A 246 -28.83 1.34 -17.27
N GLY A 247 -28.30 2.10 -18.19
CA GLY A 247 -27.90 1.47 -19.46
C GLY A 247 -26.42 1.27 -19.58
N GLN A 248 -25.67 1.54 -18.53
CA GLN A 248 -24.21 1.39 -18.63
C GLN A 248 -23.86 -0.08 -18.73
N GLY A 249 -24.33 -0.89 -17.80
CA GLY A 249 -24.04 -2.30 -17.85
C GLY A 249 -22.62 -2.72 -17.54
N SER A 250 -21.87 -1.90 -16.81
CA SER A 250 -20.50 -2.27 -16.46
C SER A 250 -20.48 -3.44 -15.48
N LYS A 251 -19.55 -4.36 -15.71
CA LYS A 251 -19.49 -5.59 -14.94
C LYS A 251 -18.56 -5.46 -13.72
N PHE A 252 -17.44 -4.76 -13.87
CA PHE A 252 -16.51 -4.54 -12.77
C PHE A 252 -16.19 -3.06 -12.67
N CYS A 253 -15.87 -2.62 -11.44
CA CYS A 253 -15.50 -1.24 -11.19
C CYS A 253 -14.29 -1.20 -10.28
N LEU A 254 -13.42 -0.21 -10.50
CA LEU A 254 -12.36 0.11 -9.56
C LEU A 254 -12.89 1.12 -8.53
N VAL A 255 -12.89 0.72 -7.26
CA VAL A 255 -13.20 1.60 -6.13
C VAL A 255 -11.87 1.97 -5.48
N ALA A 256 -11.54 3.26 -5.45
CA ALA A 256 -10.19 3.63 -5.03
C ALA A 256 -10.20 4.97 -4.31
N ILE A 257 -9.13 5.21 -3.55
CA ILE A 257 -8.81 6.48 -2.92
C ILE A 257 -7.58 7.06 -3.60
N GLY A 258 -7.64 8.35 -3.91
CA GLY A 258 -6.49 9.10 -4.40
C GLY A 258 -6.02 10.09 -3.35
N ARG A 259 -4.71 10.09 -3.10
CA ARG A 259 -4.08 10.96 -2.11
C ARG A 259 -2.93 11.73 -2.75
N LEU A 260 -2.79 13.01 -2.37
CA LEU A 260 -1.70 13.83 -2.88
C LEU A 260 -0.37 13.45 -2.24
N GLN A 261 0.71 13.91 -2.88
CA GLN A 261 2.14 13.89 -2.48
C GLN A 261 2.95 13.07 -3.48
N PRO A 277 28.53 11.01 0.36
CA PRO A 277 29.45 10.92 -0.78
C PRO A 277 29.60 9.49 -1.32
N THR A 278 28.60 8.98 -2.02
CA THR A 278 28.64 7.61 -2.54
C THR A 278 28.32 7.64 -4.03
N GLU A 279 27.90 6.50 -4.58
CA GLU A 279 27.68 6.36 -6.00
C GLU A 279 26.59 5.32 -6.24
N PHE A 280 26.08 5.29 -7.48
CA PHE A 280 25.13 4.28 -7.89
C PHE A 280 25.33 3.97 -9.37
N ILE A 281 25.01 2.73 -9.76
CA ILE A 281 25.12 2.30 -11.14
C ILE A 281 23.77 2.45 -11.82
N SER A 282 23.80 2.46 -13.14
CA SER A 282 22.57 2.57 -13.93
C SER A 282 22.82 2.04 -15.34
N ARG A 283 21.74 1.64 -15.99
CA ARG A 283 21.76 1.25 -17.39
C ARG A 283 20.82 2.14 -18.18
N HIS A 284 21.27 2.53 -19.37
CA HIS A 284 20.55 3.43 -20.27
C HIS A 284 20.52 2.85 -21.68
N ASN A 285 19.51 3.25 -22.46
CA ASN A 285 19.60 3.04 -23.89
C ASN A 285 20.47 4.12 -24.52
N ILE A 286 20.76 3.96 -25.81
CA ILE A 286 21.71 4.86 -26.46
C ILE A 286 21.21 6.29 -26.53
N GLU A 287 19.94 6.53 -26.26
CA GLU A 287 19.42 7.89 -26.18
C GLU A 287 19.68 8.54 -24.83
N GLY A 288 19.94 7.74 -23.79
CA GLY A 288 20.20 8.26 -22.47
C GLY A 288 19.10 8.04 -21.46
N ILE A 289 18.09 7.23 -21.79
CA ILE A 289 16.96 6.98 -20.90
C ILE A 289 17.37 5.99 -19.81
N PHE A 290 17.10 6.34 -18.56
CA PHE A 290 17.28 5.42 -17.45
C PHE A 290 16.42 4.17 -17.65
N THR A 291 17.06 3.01 -17.79
CA THR A 291 16.32 1.75 -17.82
C THR A 291 16.65 0.82 -16.67
N PHE A 292 17.75 1.04 -15.96
CA PHE A 292 18.00 0.36 -14.69
C PHE A 292 18.63 1.38 -13.76
N VAL A 293 18.15 1.44 -12.51
CA VAL A 293 18.65 2.40 -11.52
C VAL A 293 18.94 1.66 -10.23
N ASP A 294 20.19 1.72 -9.78
CA ASP A 294 20.55 1.22 -8.46
C ASP A 294 19.83 2.01 -7.37
N HIS A 295 19.45 1.32 -6.30
CA HIS A 295 18.71 1.94 -5.20
C HIS A 295 19.52 3.05 -4.54
N ARG A 296 20.85 2.91 -4.48
CA ARG A 296 21.69 3.90 -3.82
C ARG A 296 21.55 5.29 -4.42
N CYS A 297 20.84 5.41 -5.54
CA CYS A 297 20.44 6.71 -6.08
C CYS A 297 19.83 7.62 -5.01
N VAL A 298 19.00 7.04 -4.13
CA VAL A 298 18.39 7.86 -3.07
C VAL A 298 19.47 8.51 -2.22
N ALA A 299 20.52 7.77 -1.87
CA ALA A 299 21.57 8.35 -1.05
C ALA A 299 22.47 9.27 -1.87
N THR A 300 22.49 9.10 -3.19
CA THR A 300 23.44 9.83 -4.03
C THR A 300 22.84 11.13 -4.56
N VAL A 301 21.60 11.07 -5.06
CA VAL A 301 20.94 12.24 -5.64
C VAL A 301 19.56 12.49 -5.05
N GLY A 302 19.09 11.67 -4.11
CA GLY A 302 17.86 11.94 -3.40
C GLY A 302 16.60 11.41 -4.04
N TYR A 303 16.65 11.00 -5.30
CA TYR A 303 15.48 10.46 -5.98
C TYR A 303 15.33 8.97 -5.71
N GLN A 304 14.08 8.52 -5.67
CA GLN A 304 13.76 7.10 -5.70
C GLN A 304 14.01 6.55 -7.11
N PRO A 305 14.33 5.25 -7.21
CA PRO A 305 14.54 4.67 -8.54
C PRO A 305 13.40 4.91 -9.52
N GLN A 306 12.15 4.91 -9.05
CA GLN A 306 11.03 5.15 -9.93
C GLN A 306 11.02 6.58 -10.48
N GLU A 307 11.63 7.52 -9.77
CA GLU A 307 11.66 8.89 -10.24
C GLU A 307 12.67 9.13 -11.36
N LEU A 308 13.55 8.16 -11.62
CA LEU A 308 14.53 8.27 -12.70
C LEU A 308 14.21 7.38 -13.89
N LEU A 309 13.76 6.15 -13.65
CA LEU A 309 13.49 5.20 -14.72
C LEU A 309 12.51 5.78 -15.72
N GLY A 310 12.85 5.66 -17.01
CA GLY A 310 12.05 6.22 -18.08
C GLY A 310 12.45 7.61 -18.51
N LYS A 311 13.07 8.39 -17.61
CA LYS A 311 13.56 9.71 -17.94
C LYS A 311 14.95 9.63 -18.56
N ASN A 312 15.28 10.63 -19.37
CA ASN A 312 16.64 10.77 -19.88
C ASN A 312 17.51 11.43 -18.80
N ILE A 313 18.76 10.97 -18.71
CA ILE A 313 19.67 11.53 -17.71
C ILE A 313 19.93 13.01 -17.98
N VAL A 314 19.89 13.42 -19.26
CA VAL A 314 20.16 14.80 -19.62
C VAL A 314 19.14 15.74 -19.00
N GLU A 315 17.92 15.26 -18.76
CA GLU A 315 16.89 16.08 -18.11
C GLU A 315 17.30 16.51 -16.71
N PHE A 316 18.21 15.79 -16.06
CA PHE A 316 18.67 16.13 -14.72
C PHE A 316 19.99 16.88 -14.72
N CYS A 317 20.53 17.19 -15.89
CA CYS A 317 21.85 17.77 -16.06
C CYS A 317 21.77 19.26 -16.35
N HIS A 318 22.78 19.99 -15.87
CA HIS A 318 22.83 21.44 -16.05
C HIS A 318 22.85 21.80 -17.53
N PRO A 319 22.13 22.86 -17.92
CA PRO A 319 22.10 23.23 -19.35
C PRO A 319 23.48 23.48 -19.94
N GLU A 320 24.42 24.00 -19.15
CA GLU A 320 25.78 24.22 -19.62
C GLU A 320 26.62 22.96 -19.62
N ASP A 321 26.09 21.84 -19.12
CA ASP A 321 26.76 20.56 -19.21
C ASP A 321 26.00 19.56 -20.08
N GLN A 322 24.82 19.93 -20.57
CA GLN A 322 23.95 18.97 -21.24
C GLN A 322 24.55 18.47 -22.54
N GLN A 323 25.11 19.37 -23.36
CA GLN A 323 25.69 18.92 -24.61
C GLN A 323 26.99 18.15 -24.39
N LEU A 324 27.73 18.47 -23.33
CA LEU A 324 28.88 17.65 -22.96
C LEU A 324 28.46 16.24 -22.61
N LEU A 325 27.41 16.10 -21.81
CA LEU A 325 26.89 14.79 -21.46
C LEU A 325 26.41 14.04 -22.70
N ARG A 326 25.71 14.73 -23.60
CA ARG A 326 25.23 14.10 -24.82
C ARG A 326 26.37 13.65 -25.70
N ASP A 327 27.42 14.48 -25.81
CA ASP A 327 28.58 14.08 -26.60
C ASP A 327 29.23 12.84 -26.01
N SER A 328 29.31 12.76 -24.68
CA SER A 328 29.86 11.56 -24.06
C SER A 328 29.00 10.34 -24.37
N PHE A 329 27.68 10.48 -24.34
CA PHE A 329 26.81 9.35 -24.62
C PHE A 329 26.93 8.89 -26.07
N GLN A 330 27.06 9.84 -27.00
CA GLN A 330 27.20 9.46 -28.41
C GLN A 330 28.59 8.92 -28.71
N GLN A 331 29.61 9.32 -27.94
CA GLN A 331 30.96 8.82 -28.17
C GLN A 331 31.18 7.45 -27.57
N VAL A 332 30.56 7.17 -26.41
CA VAL A 332 30.73 5.85 -25.80
C VAL A 332 30.17 4.77 -26.71
N VAL A 333 29.17 5.11 -27.52
CA VAL A 333 28.59 4.14 -28.44
C VAL A 333 29.57 3.82 -29.57
N LYS A 334 30.30 4.84 -30.04
CA LYS A 334 31.28 4.61 -31.09
C LYS A 334 32.48 3.80 -30.62
N LEU A 335 32.76 3.82 -29.32
CA LEU A 335 33.98 3.22 -28.77
C LEU A 335 33.57 2.10 -27.80
N LYS A 336 32.98 1.05 -28.35
CA LYS A 336 32.45 -0.03 -27.53
C LYS A 336 33.58 -0.68 -26.73
N GLY A 337 33.29 -0.96 -25.46
CA GLY A 337 34.28 -1.49 -24.53
C GLY A 337 35.10 -0.43 -23.82
N GLN A 338 35.48 0.62 -24.54
CA GLN A 338 36.21 1.73 -23.95
C GLN A 338 35.33 2.44 -22.92
N VAL A 339 35.99 2.94 -21.87
CA VAL A 339 35.32 3.67 -20.81
C VAL A 339 35.42 5.16 -21.09
N LEU A 340 34.36 5.90 -20.78
CA LEU A 340 34.35 7.35 -20.95
C LEU A 340 33.86 8.00 -19.67
N SER A 341 34.60 9.00 -19.19
CA SER A 341 34.23 9.71 -17.98
C SER A 341 33.82 11.13 -18.31
N VAL A 342 32.83 11.63 -17.57
CA VAL A 342 32.32 12.98 -17.79
C VAL A 342 31.82 13.54 -16.46
N MET A 343 32.13 14.80 -16.20
CA MET A 343 31.66 15.48 -15.00
C MET A 343 30.56 16.47 -15.37
N PHE A 344 29.47 16.47 -14.60
CA PHE A 344 28.37 17.37 -14.89
C PHE A 344 27.58 17.64 -13.62
N ARG A 345 26.75 18.67 -13.67
CA ARG A 345 25.92 19.05 -12.54
C ARG A 345 24.57 18.34 -12.64
N PHE A 346 24.25 17.56 -11.62
CA PHE A 346 23.01 16.80 -11.52
C PHE A 346 22.10 17.49 -10.51
N ARG A 347 20.87 17.78 -10.92
CA ARG A 347 19.93 18.45 -10.02
C ARG A 347 19.36 17.41 -9.06
N SER A 348 19.78 17.46 -7.79
CA SER A 348 19.24 16.60 -6.76
C SER A 348 17.75 16.87 -6.57
N LYS A 349 17.06 16.07 -5.75
CA LYS A 349 15.63 16.31 -5.59
C LYS A 349 15.34 17.57 -4.80
N ASN A 350 16.27 18.01 -3.95
CA ASN A 350 16.13 19.35 -3.35
C ASN A 350 16.31 20.46 -4.36
N GLN A 351 16.31 20.15 -5.65
CA GLN A 351 16.59 21.12 -6.71
C GLN A 351 17.92 21.83 -6.44
N GLU A 352 18.93 21.04 -6.07
CA GLU A 352 20.27 21.52 -5.79
C GLU A 352 21.26 20.86 -6.75
N TRP A 353 22.23 21.63 -7.22
CA TRP A 353 23.22 21.13 -8.17
C TRP A 353 24.33 20.38 -7.43
N LEU A 354 24.53 19.11 -7.77
CA LEU A 354 25.61 18.29 -7.23
C LEU A 354 26.53 17.90 -8.37
N TRP A 355 27.84 18.07 -8.18
CA TRP A 355 28.79 17.65 -9.19
C TRP A 355 28.91 16.13 -9.17
N MET A 356 28.70 15.51 -10.33
CA MET A 356 28.72 14.07 -10.49
C MET A 356 29.71 13.68 -11.56
N ARG A 357 30.48 12.64 -11.29
CA ARG A 357 31.37 12.02 -12.27
C ARG A 357 30.74 10.71 -12.72
N THR A 358 30.45 10.60 -14.01
CA THR A 358 29.80 9.43 -14.59
C THR A 358 30.78 8.75 -15.53
N SER A 359 31.08 7.49 -15.26
CA SER A 359 31.90 6.67 -16.15
C SER A 359 31.00 5.66 -16.84
N SER A 360 31.09 5.58 -18.16
CA SER A 360 30.15 4.83 -18.96
C SER A 360 30.88 3.94 -19.94
N PHE A 361 30.27 2.80 -20.25
CA PHE A 361 30.76 1.91 -21.29
C PHE A 361 29.61 1.07 -21.81
N THR A 362 29.83 0.42 -22.95
CA THR A 362 28.77 -0.35 -23.58
C THR A 362 28.86 -1.82 -23.19
N PHE A 363 27.69 -2.45 -23.10
CA PHE A 363 27.56 -3.89 -22.94
C PHE A 363 27.32 -4.50 -24.32
N GLN A 364 28.24 -5.37 -24.74
CA GLN A 364 28.14 -6.00 -26.06
C GLN A 364 27.44 -7.36 -25.96
N ASN A 365 26.49 -7.60 -26.85
CA ASN A 365 25.86 -8.90 -26.96
C ASN A 365 26.90 -9.93 -27.36
N PRO A 366 27.16 -10.96 -26.53
CA PRO A 366 28.29 -11.86 -26.79
C PRO A 366 28.18 -12.68 -28.07
N TYR A 367 27.06 -12.64 -28.79
CA TYR A 367 26.95 -13.29 -30.09
C TYR A 367 27.03 -12.33 -31.27
N SER A 368 26.18 -11.31 -31.29
CA SER A 368 26.12 -10.35 -32.39
C SER A 368 26.98 -9.11 -32.16
N ASP A 369 27.59 -8.96 -30.97
CA ASP A 369 28.43 -7.81 -30.64
C ASP A 369 27.67 -6.49 -30.70
N GLU A 370 26.34 -6.55 -30.73
CA GLU A 370 25.56 -5.32 -30.70
C GLU A 370 25.50 -4.77 -29.27
N ILE A 371 25.27 -3.46 -29.18
CA ILE A 371 25.17 -2.80 -27.88
C ILE A 371 23.81 -3.11 -27.27
N GLU A 372 23.82 -3.75 -26.09
CA GLU A 372 22.58 -3.96 -25.36
C GLU A 372 22.17 -2.71 -24.60
N TYR A 373 23.11 -2.07 -23.92
CA TYR A 373 22.84 -0.83 -23.18
C TYR A 373 24.16 -0.21 -22.75
N ILE A 374 24.05 0.99 -22.19
CA ILE A 374 25.16 1.73 -21.64
C ILE A 374 25.12 1.59 -20.12
N ILE A 375 26.24 1.15 -19.53
CA ILE A 375 26.38 1.06 -18.09
C ILE A 375 27.13 2.29 -17.61
N CYS A 376 26.56 2.98 -16.63
CA CYS A 376 27.11 4.17 -16.03
C CYS A 376 27.32 3.93 -14.54
N THR A 377 28.47 4.32 -14.02
CA THR A 377 28.68 4.50 -12.59
C THR A 377 28.68 6.00 -12.32
N ASN A 378 27.71 6.46 -11.54
CA ASN A 378 27.53 7.87 -11.23
C ASN A 378 27.96 8.11 -9.78
N THR A 379 28.97 8.96 -9.60
CA THR A 379 29.60 9.17 -8.31
C THR A 379 29.53 10.64 -7.91
N ASN A 380 29.32 10.87 -6.61
CA ASN A 380 29.40 12.22 -6.07
C ASN A 380 30.87 12.68 -6.08
N VAL A 381 31.05 13.99 -6.25
CA VAL A 381 32.39 14.56 -6.26
C VAL A 381 32.49 15.66 -5.21
N SER B 9 -36.23 -13.22 49.04
CA SER B 9 -35.32 -12.19 48.56
C SER B 9 -34.49 -11.61 49.70
N ASN B 10 -33.69 -10.58 49.39
CA ASN B 10 -32.87 -9.89 50.38
C ASN B 10 -32.34 -8.61 49.73
N PRO B 11 -31.98 -7.61 50.53
CA PRO B 11 -31.56 -6.32 49.95
C PRO B 11 -30.36 -6.42 49.01
N SER B 12 -29.36 -7.23 49.34
CA SER B 12 -28.21 -7.42 48.45
C SER B 12 -28.67 -7.92 47.08
N LYS B 13 -29.51 -8.96 47.08
CA LYS B 13 -30.03 -9.50 45.83
C LYS B 13 -30.82 -8.44 45.07
N ARG B 14 -31.61 -7.63 45.78
CA ARG B 14 -32.42 -6.62 45.11
C ARG B 14 -31.54 -5.58 44.42
N HIS B 15 -30.52 -5.09 45.14
CA HIS B 15 -29.62 -4.11 44.54
C HIS B 15 -28.88 -4.70 43.34
N ARG B 16 -28.41 -5.95 43.46
CA ARG B 16 -27.71 -6.57 42.35
C ARG B 16 -28.63 -6.74 41.15
N ASP B 17 -29.90 -7.07 41.40
CA ASP B 17 -30.86 -7.22 40.31
C ASP B 17 -31.13 -5.88 39.62
N ARG B 18 -31.21 -4.79 40.39
CA ARG B 18 -31.34 -3.47 39.79
C ARG B 18 -30.14 -3.14 38.91
N LEU B 19 -28.93 -3.38 39.43
CA LEU B 19 -27.72 -3.13 38.64
C LEU B 19 -27.73 -3.94 37.35
N ASN B 20 -28.08 -5.22 37.44
CA ASN B 20 -28.04 -6.06 36.24
C ASN B 20 -29.11 -5.64 35.24
N THR B 21 -30.28 -5.22 35.72
CA THR B 21 -31.30 -4.68 34.84
C THR B 21 -30.76 -3.50 34.05
N GLU B 22 -30.14 -2.54 34.74
CA GLU B 22 -29.59 -1.38 34.02
C GLU B 22 -28.48 -1.79 33.05
N LEU B 23 -27.66 -2.76 33.45
CA LEU B 23 -26.59 -3.22 32.56
C LEU B 23 -27.16 -3.85 31.29
N ASP B 24 -28.24 -4.63 31.43
CA ASP B 24 -28.87 -5.22 30.25
C ASP B 24 -29.49 -4.14 29.37
N ARG B 25 -30.10 -3.13 29.98
CA ARG B 25 -30.63 -2.02 29.20
C ARG B 25 -29.50 -1.32 28.42
N LEU B 26 -28.34 -1.15 29.05
CA LEU B 26 -27.20 -0.57 28.35
C LEU B 26 -26.75 -1.47 27.20
N ALA B 27 -26.76 -2.79 27.43
CA ALA B 27 -26.29 -3.72 26.42
C ALA B 27 -27.18 -3.68 25.18
N SER B 28 -28.50 -3.71 25.38
CA SER B 28 -29.41 -3.73 24.25
C SER B 28 -29.30 -2.49 23.38
N LEU B 29 -28.79 -1.39 23.94
CA LEU B 29 -28.63 -0.15 23.18
C LEU B 29 -27.30 -0.07 22.43
N LEU B 30 -26.36 -0.97 22.71
CA LEU B 30 -25.07 -0.89 22.02
C LEU B 30 -25.24 -1.09 20.53
N PRO B 31 -24.52 -0.32 19.70
CA PRO B 31 -24.69 -0.40 18.23
C PRO B 31 -23.92 -1.56 17.63
N PHE B 32 -24.33 -2.77 17.97
CA PHE B 32 -23.72 -3.99 17.48
C PHE B 32 -24.81 -4.98 17.14
N PRO B 33 -24.54 -5.93 16.24
CA PRO B 33 -25.52 -6.99 15.99
C PRO B 33 -25.82 -7.77 17.26
N GLN B 34 -27.03 -8.33 17.33
CA GLN B 34 -27.48 -8.97 18.56
C GLN B 34 -26.63 -10.19 18.91
N ASP B 35 -26.08 -10.90 17.91
CA ASP B 35 -25.23 -12.03 18.22
C ASP B 35 -23.94 -11.58 18.90
N VAL B 36 -23.48 -10.36 18.60
CA VAL B 36 -22.32 -9.82 19.29
C VAL B 36 -22.70 -9.37 20.69
N ILE B 37 -23.87 -8.75 20.83
CA ILE B 37 -24.32 -8.24 22.14
C ILE B 37 -24.53 -9.38 23.12
N ASN B 38 -25.11 -10.50 22.65
CA ASN B 38 -25.45 -11.59 23.56
C ASN B 38 -24.23 -12.25 24.16
N LYS B 39 -23.09 -12.19 23.47
CA LYS B 39 -21.85 -12.78 23.96
C LYS B 39 -21.02 -11.83 24.82
N LEU B 40 -21.42 -10.56 24.93
CA LEU B 40 -20.66 -9.60 25.72
C LEU B 40 -20.80 -9.88 27.21
N ASP B 41 -19.69 -9.80 27.93
CA ASP B 41 -19.73 -9.76 29.38
C ASP B 41 -20.03 -8.34 29.85
N LYS B 42 -20.36 -8.21 31.14
CA LYS B 42 -20.85 -6.94 31.66
C LYS B 42 -19.79 -5.85 31.62
N LEU B 43 -18.54 -6.21 31.92
CA LEU B 43 -17.44 -5.25 31.83
C LEU B 43 -17.30 -4.73 30.41
N SER B 44 -17.45 -5.60 29.41
CA SER B 44 -17.39 -5.10 28.04
C SER B 44 -18.62 -4.27 27.68
N VAL B 45 -19.77 -4.58 28.28
CA VAL B 45 -20.95 -3.73 28.08
C VAL B 45 -20.63 -2.30 28.52
N LEU B 46 -20.11 -2.15 29.74
CA LEU B 46 -19.75 -0.82 30.22
C LEU B 46 -18.66 -0.19 29.35
N ARG B 47 -17.64 -0.97 29.00
CA ARG B 47 -16.53 -0.43 28.21
C ARG B 47 -17.00 0.08 26.86
N LEU B 48 -17.87 -0.67 26.19
CA LEU B 48 -18.34 -0.26 24.88
C LEU B 48 -19.36 0.86 24.95
N SER B 49 -20.14 0.94 26.03
CA SER B 49 -21.02 2.10 26.19
C SER B 49 -20.21 3.37 26.40
N VAL B 50 -19.14 3.29 27.21
CA VAL B 50 -18.24 4.44 27.34
C VAL B 50 -17.61 4.76 26.00
N SER B 51 -17.20 3.74 25.25
CA SER B 51 -16.66 3.94 23.91
C SER B 51 -17.62 4.73 23.04
N TYR B 52 -18.87 4.29 22.99
CA TYR B 52 -19.87 4.93 22.14
C TYR B 52 -20.10 6.38 22.56
N LEU B 53 -20.16 6.63 23.87
CA LEU B 53 -20.37 7.99 24.34
C LEU B 53 -19.20 8.89 24.00
N ARG B 54 -17.97 8.40 24.16
CA ARG B 54 -16.79 9.21 23.83
C ARG B 54 -16.74 9.50 22.34
N ALA B 55 -17.05 8.51 21.51
CA ALA B 55 -17.10 8.72 20.06
C ALA B 55 -18.14 9.78 19.70
N LYS B 56 -19.35 9.64 20.24
CA LYS B 56 -20.40 10.60 19.90
C LYS B 56 -20.04 12.00 20.37
N SER B 57 -19.47 12.12 21.58
CA SER B 57 -19.06 13.42 22.09
C SER B 57 -17.99 14.05 21.20
N PHE B 58 -17.06 13.25 20.69
CA PHE B 58 -16.04 13.79 19.79
C PHE B 58 -16.66 14.24 18.47
N PHE B 59 -17.48 13.39 17.86
CA PHE B 59 -18.08 13.74 16.57
C PHE B 59 -19.01 14.92 16.69
N ASP B 60 -19.60 15.16 17.87
CA ASP B 60 -20.44 16.33 18.05
C ASP B 60 -19.65 17.61 17.82
N VAL B 61 -18.38 17.63 18.19
CA VAL B 61 -17.49 18.77 17.94
C VAL B 61 -16.93 18.74 16.53
N SER B 62 -16.34 17.60 16.14
CA SER B 62 -15.51 17.56 14.94
C SER B 62 -16.30 17.49 13.65
N LEU B 63 -17.47 16.86 13.66
CA LEU B 63 -18.20 16.53 12.44
C LEU B 63 -19.43 17.39 12.26
N LYS B 64 -19.74 17.69 11.00
CA LYS B 64 -20.98 18.38 10.62
C LYS B 64 -21.11 19.73 11.31
N GLY B 72 -22.02 14.46 0.73
CA GLY B 72 -23.10 15.04 -0.05
C GLY B 72 -22.73 15.32 -1.49
N VAL B 73 -23.52 14.76 -2.41
CA VAL B 73 -23.32 15.01 -3.83
C VAL B 73 -23.65 16.48 -4.13
N GLN B 74 -22.91 17.07 -5.06
CA GLN B 74 -23.30 18.38 -5.58
C GLN B 74 -24.65 18.27 -6.26
N ASP B 75 -25.53 19.25 -5.99
CA ASP B 75 -26.90 19.15 -6.48
C ASP B 75 -26.97 19.21 -8.01
N ASN B 76 -25.97 19.79 -8.67
CA ASN B 76 -25.85 19.72 -10.12
C ASN B 76 -25.34 18.36 -10.60
N CYS B 77 -25.30 17.37 -9.71
CA CYS B 77 -24.75 16.06 -10.05
C CYS B 77 -25.62 14.90 -9.56
N ARG B 78 -26.75 15.19 -8.90
CA ARG B 78 -27.44 14.24 -8.04
C ARG B 78 -28.35 13.33 -8.86
N THR B 79 -28.07 12.03 -8.77
CA THR B 79 -28.97 10.98 -9.20
C THR B 79 -29.27 10.09 -8.00
N LYS B 80 -30.35 9.31 -8.11
CA LYS B 80 -30.70 8.39 -7.02
C LYS B 80 -29.57 7.39 -6.77
N PHE B 81 -29.03 6.80 -7.84
CA PHE B 81 -27.93 5.85 -7.70
C PHE B 81 -26.72 6.50 -7.04
N ARG B 82 -26.38 7.72 -7.45
CA ARG B 82 -25.27 8.44 -6.83
C ARG B 82 -25.58 8.76 -5.37
N GLU B 83 -26.85 8.96 -5.04
CA GLU B 83 -27.20 9.23 -3.64
C GLU B 83 -27.02 7.99 -2.77
N GLY B 84 -27.36 6.81 -3.28
CA GLY B 84 -27.05 5.59 -2.55
C GLY B 84 -25.55 5.37 -2.39
N LEU B 85 -24.80 5.56 -3.47
CA LEU B 85 -23.34 5.48 -3.37
C LEU B 85 -22.82 6.45 -2.31
N ASN B 86 -23.40 7.65 -2.24
CA ASN B 86 -22.99 8.63 -1.25
C ASN B 86 -23.33 8.13 0.16
N LEU B 87 -24.46 7.46 0.31
CA LEU B 87 -24.81 6.89 1.60
C LEU B 87 -23.84 5.81 2.04
N GLN B 88 -23.12 5.18 1.10
CA GLN B 88 -22.14 4.17 1.47
C GLN B 88 -20.67 4.62 1.31
N GLU B 89 -20.44 5.88 0.93
CA GLU B 89 -19.12 6.45 0.75
C GLU B 89 -18.09 6.09 1.83
N GLY B 90 -18.51 6.12 3.10
CA GLY B 90 -17.58 5.78 4.17
C GLY B 90 -17.13 4.33 4.12
N GLU B 91 -18.09 3.41 3.94
CA GLU B 91 -17.73 2.00 3.78
C GLU B 91 -16.85 1.78 2.57
N PHE B 92 -17.14 2.48 1.47
CA PHE B 92 -16.30 2.35 0.28
C PHE B 92 -14.87 2.79 0.56
N LEU B 93 -14.70 3.90 1.27
CA LEU B 93 -13.36 4.33 1.68
C LEU B 93 -12.69 3.25 2.53
N LEU B 94 -13.43 2.70 3.50
CA LEU B 94 -12.85 1.68 4.38
C LEU B 94 -12.39 0.47 3.58
N GLN B 95 -13.17 0.05 2.59
CA GLN B 95 -12.79 -1.10 1.78
C GLN B 95 -11.61 -0.78 0.89
N ALA B 96 -11.52 0.45 0.38
CA ALA B 96 -10.38 0.87 -0.42
C ALA B 96 -9.12 1.09 0.41
N LEU B 97 -9.23 1.15 1.73
CA LEU B 97 -8.06 1.37 2.57
C LEU B 97 -7.01 0.28 2.36
N ASN B 98 -7.44 -0.95 2.13
CA ASN B 98 -6.57 -2.13 2.22
C ASN B 98 -5.90 -2.20 3.58
N GLY B 99 -6.72 -2.12 4.62
CA GLY B 99 -6.21 -2.10 5.98
C GLY B 99 -7.29 -1.70 6.96
N PHE B 100 -6.93 -0.91 7.96
CA PHE B 100 -7.96 -0.50 8.91
C PHE B 100 -7.66 0.87 9.49
N VAL B 101 -8.71 1.52 9.98
CA VAL B 101 -8.61 2.78 10.70
C VAL B 101 -8.27 2.49 12.15
N LEU B 102 -7.32 3.24 12.69
CA LEU B 102 -7.01 3.19 14.11
C LEU B 102 -6.96 4.61 14.63
N VAL B 103 -7.54 4.84 15.80
CA VAL B 103 -7.43 6.12 16.49
C VAL B 103 -7.08 5.81 17.93
N VAL B 104 -5.92 6.34 18.39
CA VAL B 104 -5.33 6.02 19.69
C VAL B 104 -5.13 7.31 20.48
N THR B 105 -5.49 7.28 21.76
CA THR B 105 -5.39 8.45 22.63
C THR B 105 -3.96 8.61 23.14
N THR B 106 -3.71 9.71 23.87
CA THR B 106 -2.41 9.88 24.52
C THR B 106 -2.15 8.79 25.55
N ASP B 107 -3.21 8.31 26.19
CA ASP B 107 -3.11 7.21 27.14
C ASP B 107 -3.06 5.85 26.45
N ALA B 108 -2.74 5.83 25.16
CA ALA B 108 -2.53 4.62 24.39
C ALA B 108 -3.76 3.73 24.33
N LEU B 109 -4.93 4.29 24.61
CA LEU B 109 -6.18 3.56 24.47
C LEU B 109 -6.67 3.65 23.04
N VAL B 110 -7.24 2.55 22.55
CA VAL B 110 -7.79 2.52 21.19
C VAL B 110 -9.13 3.24 21.23
N PHE B 111 -9.13 4.51 20.84
CA PHE B 111 -10.37 5.26 20.72
C PHE B 111 -11.28 4.62 19.67
N TYR B 112 -10.70 4.12 18.58
CA TYR B 112 -11.53 3.46 17.58
C TYR B 112 -10.67 2.57 16.69
N ALA B 113 -11.27 1.48 16.24
CA ALA B 113 -10.68 0.62 15.21
C ALA B 113 -11.80 0.18 14.28
N SER B 114 -11.55 0.24 12.98
CA SER B 114 -12.56 -0.19 12.04
C SER B 114 -12.72 -1.71 12.08
N SER B 115 -13.82 -2.19 11.48
CA SER B 115 -14.13 -3.61 11.52
C SER B 115 -13.11 -4.44 10.74
N THR B 116 -12.52 -3.87 9.70
CA THR B 116 -11.56 -4.58 8.85
C THR B 116 -10.30 -5.01 9.60
N ILE B 117 -10.11 -4.54 10.84
CA ILE B 117 -9.01 -5.06 11.64
C ILE B 117 -9.14 -6.57 11.77
N GLN B 118 -10.37 -7.06 11.88
CA GLN B 118 -10.57 -8.51 11.94
C GLN B 118 -10.08 -9.19 10.67
N ASP B 119 -10.21 -8.51 9.52
CA ASP B 119 -9.72 -9.06 8.27
C ASP B 119 -8.21 -9.16 8.22
N TYR B 120 -7.49 -8.34 8.99
CA TYR B 120 -6.03 -8.28 8.88
C TYR B 120 -5.30 -8.84 10.08
N LEU B 121 -5.87 -8.76 11.28
CA LEU B 121 -5.24 -9.28 12.48
C LEU B 121 -6.07 -10.34 13.18
N GLY B 122 -7.34 -10.49 12.86
CA GLY B 122 -8.18 -11.47 13.50
C GLY B 122 -8.79 -11.02 14.81
N PHE B 123 -8.57 -9.78 15.22
CA PHE B 123 -9.19 -9.24 16.42
C PHE B 123 -10.55 -8.66 16.10
N GLN B 124 -11.52 -8.91 16.97
CA GLN B 124 -12.85 -8.33 16.79
C GLN B 124 -12.83 -6.85 17.15
N GLN B 125 -13.59 -6.06 16.39
CA GLN B 125 -13.68 -4.63 16.68
C GLN B 125 -14.16 -4.38 18.10
N SER B 126 -15.18 -5.14 18.55
CA SER B 126 -15.75 -4.92 19.88
C SER B 126 -14.78 -5.30 21.00
N ASP B 127 -13.75 -6.10 20.72
CA ASP B 127 -12.75 -6.42 21.73
C ASP B 127 -11.64 -5.39 21.81
N VAL B 128 -11.32 -4.75 20.69
CA VAL B 128 -10.17 -3.85 20.62
C VAL B 128 -10.49 -2.49 21.21
N ILE B 129 -11.72 -2.00 20.99
CA ILE B 129 -12.04 -0.60 21.30
C ILE B 129 -11.96 -0.37 22.80
N HIS B 130 -11.29 0.72 23.19
CA HIS B 130 -11.14 1.16 24.58
C HIS B 130 -10.28 0.20 25.41
N GLN B 131 -9.40 -0.54 24.74
CA GLN B 131 -8.33 -1.27 25.42
C GLN B 131 -6.99 -0.67 25.00
N SER B 132 -5.95 -1.02 25.76
CA SER B 132 -4.63 -0.50 25.47
C SER B 132 -4.13 -1.02 24.14
N VAL B 133 -3.62 -0.11 23.29
CA VAL B 133 -3.12 -0.50 21.98
C VAL B 133 -1.88 -1.38 22.07
N TYR B 134 -1.11 -1.29 23.16
CA TYR B 134 0.12 -2.08 23.27
C TYR B 134 -0.18 -3.58 23.29
N GLU B 135 -1.37 -3.97 23.74
CA GLU B 135 -1.77 -5.37 23.69
C GLU B 135 -1.80 -5.92 22.27
N LEU B 136 -1.88 -5.04 21.26
CA LEU B 136 -1.84 -5.47 19.88
C LEU B 136 -0.46 -5.33 19.24
N ILE B 137 0.48 -4.66 19.90
CA ILE B 137 1.75 -4.30 19.30
C ILE B 137 2.85 -5.17 19.88
N HIS B 138 3.76 -5.60 19.00
CA HIS B 138 4.95 -6.33 19.42
C HIS B 138 5.72 -5.55 20.48
N THR B 139 6.34 -6.28 21.40
CA THR B 139 7.09 -5.65 22.48
C THR B 139 8.20 -4.77 21.94
N GLU B 140 9.04 -5.33 21.06
CA GLU B 140 10.20 -4.60 20.54
C GLU B 140 9.80 -3.35 19.79
N ASP B 141 8.53 -3.23 19.38
CA ASP B 141 8.05 -2.06 18.67
C ASP B 141 7.23 -1.12 19.54
N ARG B 142 6.81 -1.55 20.73
CA ARG B 142 5.93 -0.75 21.56
C ARG B 142 6.53 0.64 21.83
N ALA B 143 7.79 0.67 22.26
CA ALA B 143 8.45 1.94 22.51
C ALA B 143 8.32 2.88 21.32
N GLU B 144 8.59 2.35 20.12
CA GLU B 144 8.49 3.16 18.91
C GLU B 144 7.13 3.81 18.81
N PHE B 145 6.06 3.01 18.98
CA PHE B 145 4.72 3.55 18.87
C PHE B 145 4.51 4.70 19.84
N GLN B 146 5.05 4.57 21.06
CA GLN B 146 4.85 5.62 22.05
C GLN B 146 5.44 6.94 21.57
N ARG B 147 6.60 6.88 20.91
CA ARG B 147 7.22 8.11 20.43
C ARG B 147 6.45 8.73 19.29
N GLN B 148 5.60 7.94 18.61
CA GLN B 148 4.71 8.52 17.61
C GLN B 148 3.52 9.19 18.26
N LEU B 149 3.09 8.72 19.43
CA LEU B 149 1.95 9.34 20.11
C LEU B 149 2.28 10.71 20.67
N HIS B 150 3.56 11.07 20.77
CA HIS B 150 3.94 12.35 21.34
C HIS B 150 5.05 13.00 20.53
N PHE B 189 5.05 18.83 11.75
CA PHE B 189 5.17 18.43 13.15
C PHE B 189 4.05 17.47 13.56
N MET B 190 3.00 17.40 12.75
CA MET B 190 1.81 16.64 13.09
C MET B 190 1.65 15.34 12.30
N GLU B 191 2.12 15.28 11.06
CA GLU B 191 1.97 14.08 10.26
C GLU B 191 2.85 12.96 10.80
N ARG B 192 2.46 11.73 10.47
CA ARG B 192 3.13 10.54 10.99
C ARG B 192 3.16 9.47 9.92
N CYS B 193 4.31 8.80 9.78
CA CYS B 193 4.45 7.68 8.85
C CYS B 193 5.51 6.75 9.41
N PHE B 194 5.11 5.56 9.82
CA PHE B 194 6.06 4.65 10.47
C PHE B 194 5.61 3.21 10.24
N VAL B 195 6.31 2.26 10.88
CA VAL B 195 6.09 0.84 10.70
C VAL B 195 6.05 0.18 12.08
N CYS B 196 5.13 -0.77 12.26
CA CYS B 196 5.03 -1.49 13.53
C CYS B 196 4.52 -2.90 13.26
N ARG B 197 5.00 -3.86 14.04
CA ARG B 197 4.53 -5.23 13.93
C ARG B 197 3.41 -5.45 14.93
N LEU B 198 2.27 -5.93 14.45
CA LEU B 198 1.10 -6.12 15.28
C LEU B 198 0.68 -7.58 15.29
N ARG B 199 0.09 -7.99 16.41
CA ARG B 199 -0.31 -9.37 16.60
C ARG B 199 -1.31 -9.79 15.52
N CYS B 200 -1.07 -10.94 14.92
CA CYS B 200 -1.93 -11.50 13.87
C CYS B 200 -2.38 -12.88 14.29
N LEU B 201 -3.68 -13.04 14.57
CA LEU B 201 -4.25 -14.32 14.94
C LEU B 201 -4.62 -15.18 13.74
N LEU B 202 -4.24 -14.77 12.53
CA LEU B 202 -4.52 -15.56 11.34
C LEU B 202 -3.26 -16.31 10.89
N GLY B 207 2.60 -15.21 15.68
CA GLY B 207 1.98 -14.60 14.52
C GLY B 207 1.94 -13.09 14.60
N PHE B 208 2.62 -12.43 13.67
CA PHE B 208 2.69 -10.98 13.61
C PHE B 208 2.72 -10.54 12.17
N LEU B 209 2.21 -9.34 11.91
CA LEU B 209 2.32 -8.72 10.59
C LEU B 209 2.85 -7.31 10.75
N ALA B 210 3.85 -6.97 9.94
CA ALA B 210 4.38 -5.62 9.94
C ALA B 210 3.50 -4.72 9.09
N MET B 211 3.11 -3.58 9.65
CA MET B 211 2.15 -2.69 9.02
C MET B 211 2.71 -1.28 8.97
N ASN B 212 2.44 -0.62 7.84
CA ASN B 212 2.69 0.81 7.68
C ASN B 212 1.52 1.57 8.29
N PHE B 213 1.85 2.50 9.19
CA PHE B 213 0.89 3.42 9.79
C PHE B 213 1.10 4.80 9.18
N GLN B 214 0.06 5.32 8.52
CA GLN B 214 0.08 6.66 7.97
C GLN B 214 -1.02 7.45 8.66
N GLY B 215 -0.64 8.50 9.38
CA GLY B 215 -1.62 9.18 10.20
C GLY B 215 -1.21 10.57 10.59
N ARG B 216 -1.85 11.05 11.65
CA ARG B 216 -1.76 12.44 12.06
C ARG B 216 -2.11 12.55 13.53
N LEU B 217 -1.53 13.55 14.19
CA LEU B 217 -1.89 13.87 15.56
C LEU B 217 -2.88 15.03 15.54
N LYS B 218 -4.07 14.79 16.07
CA LYS B 218 -5.09 15.85 16.14
C LYS B 218 -5.75 15.80 17.51
N TYR B 219 -6.27 16.95 17.93
CA TYR B 219 -6.86 17.06 19.26
C TYR B 219 -8.17 16.28 19.34
N LEU B 220 -8.27 15.40 20.34
CA LEU B 220 -9.45 14.56 20.55
C LEU B 220 -10.40 15.34 21.46
N HIS B 221 -11.33 16.06 20.83
CA HIS B 221 -12.25 16.93 21.55
C HIS B 221 -13.34 16.13 22.27
N GLY B 222 -13.91 16.78 23.29
CA GLY B 222 -15.11 16.29 23.95
C GLY B 222 -14.92 15.04 24.80
N GLN B 223 -13.81 14.95 25.52
CA GLN B 223 -13.52 13.78 26.34
C GLN B 223 -13.68 14.04 27.84
N ASN B 224 -13.98 15.27 28.23
CA ASN B 224 -14.34 15.62 29.61
C ASN B 224 -13.32 15.11 30.64
N LYS B 225 -12.06 15.13 30.27
CA LYS B 225 -11.02 14.72 31.21
C LYS B 225 -10.89 15.75 32.33
N LYS B 226 -10.57 15.27 33.53
CA LYS B 226 -10.44 16.12 34.70
C LYS B 226 -9.14 15.84 35.45
N ILE B 232 -10.94 20.62 34.61
CA ILE B 232 -11.38 20.42 33.21
C ILE B 232 -10.18 20.56 32.30
N LEU B 233 -9.64 19.44 31.86
CA LEU B 233 -8.43 19.42 31.02
C LEU B 233 -8.75 19.83 29.59
N PRO B 234 -7.79 20.38 28.86
CA PRO B 234 -7.94 20.60 27.42
C PRO B 234 -7.80 19.27 26.68
N PRO B 235 -8.33 19.17 25.45
CA PRO B 235 -8.22 17.91 24.72
C PRO B 235 -6.76 17.55 24.47
N GLN B 236 -6.51 16.25 24.47
CA GLN B 236 -5.17 15.72 24.22
C GLN B 236 -5.05 15.27 22.77
N LEU B 237 -3.82 15.18 22.29
CA LEU B 237 -3.57 14.76 20.92
C LEU B 237 -3.78 13.24 20.81
N ALA B 238 -4.58 12.83 19.85
CA ALA B 238 -4.73 11.44 19.49
C ALA B 238 -4.15 11.21 18.10
N LEU B 239 -3.69 9.99 17.87
CA LEU B 239 -3.22 9.57 16.56
C LEU B 239 -4.37 9.00 15.76
N PHE B 240 -4.71 9.64 14.65
CA PHE B 240 -5.64 9.12 13.65
C PHE B 240 -4.78 8.54 12.54
N ALA B 241 -4.73 7.22 12.45
CA ALA B 241 -3.86 6.53 11.50
C ALA B 241 -4.65 5.53 10.69
N ILE B 242 -4.10 5.23 9.51
CA ILE B 242 -4.53 4.11 8.68
C ILE B 242 -3.39 3.12 8.65
N ALA B 243 -3.71 1.85 8.91
CA ALA B 243 -2.73 0.78 8.96
C ALA B 243 -2.94 -0.13 7.77
N THR B 244 -1.86 -0.38 7.02
CA THR B 244 -1.89 -1.26 5.86
C THR B 244 -0.73 -2.24 5.95
N PRO B 245 -0.78 -3.36 5.22
CA PRO B 245 0.37 -4.28 5.22
C PRO B 245 1.59 -3.74 4.49
N LEU B 246 2.66 -4.53 4.44
CA LEU B 246 3.90 -4.15 3.77
C LEU B 246 3.95 -4.78 2.38
N GLN B 247 5.03 -4.47 1.63
CA GLN B 247 5.14 -4.85 0.23
C GLN B 247 6.50 -5.47 -0.07
N PRO B 248 6.55 -6.63 -0.72
CA PRO B 248 7.82 -7.16 -1.21
C PRO B 248 7.93 -7.02 -2.72
N PRO B 249 9.14 -6.84 -3.25
CA PRO B 249 9.28 -6.57 -4.69
C PRO B 249 9.85 -7.73 -5.49
N SER B 250 9.45 -8.97 -5.19
CA SER B 250 9.99 -10.13 -5.88
C SER B 250 8.88 -11.16 -6.11
N ILE B 251 8.91 -11.79 -7.29
CA ILE B 251 7.91 -12.79 -7.66
C ILE B 251 8.43 -14.16 -7.24
N LEU B 252 7.92 -14.67 -6.12
CA LEU B 252 8.22 -16.02 -5.66
C LEU B 252 7.05 -16.93 -6.02
N GLU B 253 7.35 -18.04 -6.70
CA GLU B 253 6.30 -18.95 -7.15
C GLU B 253 5.72 -19.72 -5.98
N ILE B 254 4.39 -19.68 -5.85
CA ILE B 254 3.71 -20.51 -4.85
C ILE B 254 3.81 -21.98 -5.23
N ARG B 255 3.53 -22.29 -6.50
CA ARG B 255 3.75 -23.63 -7.05
C ARG B 255 5.24 -23.79 -7.41
N THR B 256 6.09 -23.60 -6.40
CA THR B 256 7.53 -23.61 -6.60
C THR B 256 8.00 -24.92 -7.23
N LYS B 257 7.40 -26.03 -6.82
CA LYS B 257 7.85 -27.35 -7.24
C LYS B 257 7.53 -27.59 -8.71
N ASN B 258 8.58 -27.81 -9.50
CA ASN B 258 8.46 -28.28 -10.88
C ASN B 258 7.53 -27.40 -11.70
N PHE B 259 7.70 -26.09 -11.57
CA PHE B 259 7.08 -25.17 -12.53
C PHE B 259 8.08 -24.84 -13.65
N ILE B 260 8.70 -25.89 -14.18
CA ILE B 260 9.68 -25.73 -15.25
C ILE B 260 8.99 -25.17 -16.49
N PHE B 261 9.58 -24.12 -17.07
CA PHE B 261 9.07 -23.56 -18.30
C PHE B 261 10.22 -23.33 -19.27
N ARG B 262 9.92 -23.42 -20.57
CA ARG B 262 10.93 -23.31 -21.60
C ARG B 262 10.65 -22.11 -22.49
N THR B 263 11.72 -21.45 -22.90
CA THR B 263 11.65 -20.36 -23.85
C THR B 263 12.57 -20.66 -25.02
N LYS B 264 12.17 -20.21 -26.20
CA LYS B 264 12.95 -20.33 -27.42
C LYS B 264 13.52 -18.96 -27.76
N HIS B 265 14.75 -18.94 -28.27
CA HIS B 265 15.45 -17.67 -28.49
C HIS B 265 16.23 -17.71 -29.78
N LYS B 266 16.45 -16.53 -30.36
CA LYS B 266 17.42 -16.37 -31.43
C LYS B 266 18.82 -16.58 -30.87
N LEU B 267 19.81 -16.61 -31.77
CA LEU B 267 21.19 -16.81 -31.34
C LEU B 267 21.70 -15.68 -30.45
N ASP B 268 21.15 -14.46 -30.57
CA ASP B 268 21.49 -13.35 -29.70
C ASP B 268 20.63 -13.31 -28.44
N PHE B 269 19.93 -14.42 -28.13
CA PHE B 269 19.03 -14.55 -26.99
C PHE B 269 17.79 -13.67 -27.10
N THR B 270 17.42 -13.24 -28.30
CA THR B 270 16.13 -12.58 -28.47
C THR B 270 15.02 -13.62 -28.39
N PRO B 271 14.10 -13.52 -27.44
CA PRO B 271 13.05 -14.55 -27.33
C PRO B 271 12.16 -14.56 -28.56
N THR B 272 11.80 -15.77 -28.99
CA THR B 272 10.88 -15.98 -30.09
C THR B 272 9.72 -16.91 -29.74
N GLY B 273 9.75 -17.56 -28.59
CA GLY B 273 8.70 -18.49 -28.21
C GLY B 273 8.70 -18.71 -26.72
N CYS B 274 7.52 -19.01 -26.19
CA CYS B 274 7.34 -19.19 -24.75
C CYS B 274 6.18 -20.14 -24.54
N ASP B 275 6.28 -20.97 -23.50
CA ASP B 275 5.19 -21.88 -23.19
C ASP B 275 4.25 -21.22 -22.18
N ALA B 276 3.21 -21.96 -21.77
CA ALA B 276 2.18 -21.38 -20.91
C ALA B 276 2.71 -21.06 -19.52
N LYS B 277 3.51 -21.96 -18.95
CA LYS B 277 4.05 -21.69 -17.63
C LYS B 277 5.01 -20.50 -17.64
N GLY B 278 5.71 -20.29 -18.76
CA GLY B 278 6.52 -19.10 -18.88
C GLY B 278 5.67 -17.83 -18.91
N LYS B 279 4.55 -17.86 -19.64
CA LYS B 279 3.64 -16.73 -19.63
C LYS B 279 3.09 -16.47 -18.23
N ILE B 280 2.88 -17.52 -17.45
CA ILE B 280 2.35 -17.34 -16.10
C ILE B 280 3.43 -16.76 -15.18
N VAL B 281 4.67 -17.23 -15.31
CA VAL B 281 5.73 -16.77 -14.42
C VAL B 281 6.14 -15.35 -14.75
N LEU B 282 6.44 -15.09 -16.02
CA LEU B 282 7.01 -13.80 -16.41
C LEU B 282 5.93 -12.73 -16.59
N GLY B 283 4.72 -13.12 -17.00
CA GLY B 283 3.63 -12.18 -17.15
C GLY B 283 3.51 -11.54 -18.52
N TYR B 284 4.33 -11.94 -19.48
CA TYR B 284 4.26 -11.40 -20.84
C TYR B 284 3.42 -12.33 -21.72
N THR B 285 2.69 -11.73 -22.66
CA THR B 285 2.20 -12.52 -23.77
C THR B 285 3.38 -12.91 -24.65
N GLU B 286 3.18 -13.95 -25.45
CA GLU B 286 4.26 -14.41 -26.32
C GLU B 286 4.71 -13.30 -27.25
N ALA B 287 3.77 -12.53 -27.80
CA ALA B 287 4.14 -11.43 -28.69
C ALA B 287 4.85 -10.31 -27.92
N GLU B 288 4.43 -10.05 -26.68
CA GLU B 288 5.09 -9.05 -25.85
C GLU B 288 6.54 -9.44 -25.58
N LEU B 289 6.79 -10.72 -25.30
CA LEU B 289 8.11 -11.17 -24.92
C LEU B 289 9.12 -11.01 -26.05
N CYS B 290 8.68 -11.17 -27.29
CA CYS B 290 9.59 -11.16 -28.43
C CYS B 290 9.84 -9.78 -29.02
N MET B 291 9.13 -8.76 -28.56
CA MET B 291 9.25 -7.42 -29.13
C MET B 291 9.97 -6.45 -28.19
N ARG B 292 10.86 -6.95 -27.34
CA ARG B 292 11.54 -6.08 -26.39
C ARG B 292 13.05 -6.17 -26.49
N GLY B 293 13.58 -6.63 -27.62
CA GLY B 293 15.00 -6.84 -27.75
C GLY B 293 15.43 -8.17 -27.15
N THR B 294 16.74 -8.36 -27.09
CA THR B 294 17.28 -9.60 -26.56
C THR B 294 16.98 -9.73 -25.08
N GLY B 295 17.11 -10.96 -24.59
CA GLY B 295 16.88 -11.24 -23.18
C GLY B 295 17.77 -10.47 -22.23
N TYR B 296 18.86 -9.88 -22.73
CA TYR B 296 19.69 -9.03 -21.88
C TYR B 296 18.95 -7.78 -21.41
N GLN B 297 17.87 -7.41 -22.07
CA GLN B 297 17.02 -6.33 -21.58
C GLN B 297 16.18 -6.78 -20.39
N PHE B 298 15.95 -8.09 -20.24
CA PHE B 298 15.16 -8.65 -19.15
C PHE B 298 15.98 -8.98 -17.92
N ILE B 299 17.31 -8.95 -18.00
CA ILE B 299 18.18 -9.53 -16.98
C ILE B 299 18.63 -8.44 -16.01
N HIS B 300 18.63 -8.79 -14.72
CA HIS B 300 19.11 -7.90 -13.67
C HIS B 300 20.54 -7.44 -13.95
N ALA B 301 20.83 -6.18 -13.62
CA ALA B 301 22.18 -5.64 -13.86
C ALA B 301 23.23 -6.37 -13.05
N ALA B 302 22.85 -6.95 -11.90
CA ALA B 302 23.78 -7.71 -11.09
C ALA B 302 24.04 -9.10 -11.65
N ASP B 303 23.36 -9.49 -12.73
CA ASP B 303 23.51 -10.80 -13.32
C ASP B 303 23.98 -10.77 -14.77
N MET B 304 24.01 -9.60 -15.41
CA MET B 304 24.21 -9.55 -16.86
C MET B 304 25.56 -10.11 -17.28
N LEU B 305 26.63 -9.82 -16.51
CA LEU B 305 27.94 -10.32 -16.87
C LEU B 305 28.04 -11.83 -16.70
N TYR B 306 27.37 -12.39 -15.69
CA TYR B 306 27.37 -13.84 -15.51
C TYR B 306 26.66 -14.52 -16.67
N CYS B 307 25.46 -14.03 -17.02
CA CYS B 307 24.73 -14.55 -18.17
C CYS B 307 25.53 -14.39 -19.46
N ALA B 308 26.30 -13.31 -19.59
CA ALA B 308 27.12 -13.13 -20.78
C ALA B 308 28.23 -14.18 -20.85
N GLU B 309 28.90 -14.42 -19.72
CA GLU B 309 29.88 -15.51 -19.66
C GLU B 309 29.26 -16.85 -20.02
N TYR B 310 28.06 -17.13 -19.50
CA TYR B 310 27.43 -18.42 -19.76
C TYR B 310 26.91 -18.51 -21.19
N HIS B 311 26.54 -17.38 -21.78
CA HIS B 311 26.22 -17.34 -23.20
C HIS B 311 27.45 -17.67 -24.04
N VAL B 312 28.61 -17.15 -23.65
CA VAL B 312 29.84 -17.51 -24.34
C VAL B 312 30.11 -19.01 -24.21
N ARG B 313 29.94 -19.56 -23.00
CA ARG B 313 30.14 -20.99 -22.80
C ARG B 313 29.21 -21.81 -23.69
N MET B 314 27.97 -21.34 -23.86
CA MET B 314 27.03 -22.06 -24.71
C MET B 314 27.39 -21.92 -26.19
N ILE B 315 27.85 -20.74 -26.60
CA ILE B 315 28.30 -20.55 -27.98
C ILE B 315 29.45 -21.48 -28.29
N LYS B 316 30.33 -21.73 -27.32
CA LYS B 316 31.51 -22.53 -27.58
C LYS B 316 31.27 -24.03 -27.43
N THR B 317 30.37 -24.45 -26.55
CA THR B 317 30.15 -25.89 -26.34
C THR B 317 28.73 -26.35 -26.64
N GLY B 318 27.82 -25.45 -26.99
CA GLY B 318 26.42 -25.81 -27.20
C GLY B 318 25.60 -25.94 -25.93
N GLU B 319 26.25 -25.94 -24.77
CA GLU B 319 25.58 -26.09 -23.48
C GLU B 319 26.03 -24.95 -22.57
N SER B 320 25.08 -24.35 -21.86
CA SER B 320 25.42 -23.24 -20.98
C SER B 320 25.82 -23.71 -19.59
N GLY B 321 25.25 -24.81 -19.12
CA GLY B 321 25.36 -25.19 -17.72
C GLY B 321 24.34 -24.44 -16.88
N MET B 322 24.21 -24.87 -15.63
CA MET B 322 23.24 -24.26 -14.74
C MET B 322 23.69 -22.86 -14.35
N ILE B 323 22.77 -21.90 -14.47
CA ILE B 323 23.03 -20.51 -14.07
C ILE B 323 21.79 -19.97 -13.37
N VAL B 324 21.99 -19.23 -12.28
CA VAL B 324 20.91 -18.64 -11.50
C VAL B 324 20.96 -17.13 -11.66
N PHE B 325 19.84 -16.55 -12.09
CA PHE B 325 19.80 -15.11 -12.33
C PHE B 325 18.36 -14.62 -12.27
N ARG B 326 18.20 -13.30 -12.36
CA ARG B 326 16.91 -12.65 -12.15
C ARG B 326 16.37 -12.09 -13.46
N LEU B 327 15.10 -12.38 -13.74
CA LEU B 327 14.40 -11.88 -14.91
C LEU B 327 13.37 -10.83 -14.50
N LEU B 328 13.16 -9.85 -15.37
CA LEU B 328 12.21 -8.77 -15.14
C LEU B 328 10.83 -9.19 -15.63
N THR B 329 9.87 -9.29 -14.71
CA THR B 329 8.52 -9.63 -15.09
C THR B 329 7.82 -8.44 -15.73
N LYS B 330 6.64 -8.71 -16.30
CA LYS B 330 5.83 -7.63 -16.87
C LYS B 330 5.44 -6.61 -15.80
N ASP B 331 5.31 -7.06 -14.55
CA ASP B 331 5.05 -6.14 -13.43
C ASP B 331 6.27 -5.30 -13.08
N ASN B 332 7.37 -5.43 -13.83
CA ASN B 332 8.64 -4.80 -13.50
C ASN B 332 9.17 -5.29 -12.15
N ARG B 333 8.85 -6.53 -11.81
CA ARG B 333 9.41 -7.21 -10.64
C ARG B 333 10.48 -8.21 -11.07
N TRP B 334 11.40 -8.49 -10.15
CA TRP B 334 12.46 -9.44 -10.40
C TRP B 334 12.07 -10.83 -9.90
N THR B 335 12.40 -11.85 -10.67
CA THR B 335 12.13 -13.22 -10.26
C THR B 335 13.34 -14.10 -10.55
N TRP B 336 13.77 -14.87 -9.56
CA TRP B 336 14.92 -15.74 -9.68
C TRP B 336 14.58 -16.97 -10.51
N VAL B 337 15.52 -17.38 -11.35
CA VAL B 337 15.39 -18.59 -12.16
C VAL B 337 16.74 -19.31 -12.17
N GLN B 338 16.68 -20.63 -12.09
CA GLN B 338 17.81 -21.49 -12.42
C GLN B 338 17.56 -22.08 -13.80
N SER B 339 18.47 -21.81 -14.73
CA SER B 339 18.24 -22.07 -16.14
C SER B 339 19.43 -22.76 -16.77
N ASN B 340 19.14 -23.40 -17.90
CA ASN B 340 20.13 -24.09 -18.71
C ASN B 340 19.79 -23.81 -20.17
N ALA B 341 20.76 -23.26 -20.90
CA ALA B 341 20.54 -22.87 -22.28
C ALA B 341 21.28 -23.83 -23.21
N ARG B 342 20.55 -24.40 -24.16
CA ARG B 342 21.09 -25.35 -25.12
C ARG B 342 20.94 -24.79 -26.54
N LEU B 343 21.89 -25.11 -27.39
CA LEU B 343 21.86 -24.72 -28.79
C LEU B 343 21.29 -25.85 -29.62
N VAL B 344 20.32 -25.52 -30.47
CA VAL B 344 19.78 -26.45 -31.45
C VAL B 344 20.45 -26.15 -32.78
N TYR B 345 20.66 -27.19 -33.59
CA TYR B 345 21.42 -27.05 -34.81
C TYR B 345 20.56 -27.37 -36.03
N LYS B 346 20.87 -26.68 -37.13
CA LYS B 346 20.30 -26.95 -38.43
C LYS B 346 21.45 -27.15 -39.41
N ASN B 347 21.51 -28.33 -40.03
CA ASN B 347 22.58 -28.67 -40.97
C ASN B 347 23.95 -28.42 -40.36
N GLY B 348 24.09 -28.73 -39.07
CA GLY B 348 25.35 -28.58 -38.39
C GLY B 348 25.75 -27.16 -38.03
N ARG B 349 24.85 -26.19 -38.21
CA ARG B 349 25.12 -24.82 -37.81
C ARG B 349 24.15 -24.39 -36.71
N PRO B 350 24.58 -23.59 -35.75
CA PRO B 350 23.66 -23.13 -34.71
C PRO B 350 22.45 -22.44 -35.32
N ASP B 351 21.27 -22.75 -34.79
CA ASP B 351 20.01 -22.27 -35.32
C ASP B 351 19.24 -21.43 -34.31
N TYR B 352 18.93 -21.99 -33.14
CA TYR B 352 18.26 -21.24 -32.08
C TYR B 352 18.65 -21.82 -30.72
N ILE B 353 18.17 -21.16 -29.67
CA ILE B 353 18.44 -21.55 -28.29
C ILE B 353 17.14 -22.06 -27.66
N ILE B 354 17.27 -23.09 -26.84
CA ILE B 354 16.18 -23.56 -25.98
C ILE B 354 16.65 -23.45 -24.54
N ALA B 355 16.11 -22.48 -23.80
CA ALA B 355 16.42 -22.31 -22.39
C ALA B 355 15.29 -22.89 -21.56
N THR B 356 15.65 -23.72 -20.59
CA THR B 356 14.68 -24.32 -19.67
C THR B 356 14.96 -23.80 -18.26
N GLN B 357 13.93 -23.26 -17.62
CA GLN B 357 14.08 -22.48 -16.40
C GLN B 357 13.15 -23.02 -15.31
N ARG B 358 13.65 -22.99 -14.08
CA ARG B 358 12.87 -23.31 -12.89
C ARG B 358 12.81 -22.09 -11.99
N PRO B 359 11.62 -21.64 -11.60
CA PRO B 359 11.54 -20.48 -10.69
C PRO B 359 12.06 -20.83 -9.31
N LEU B 360 12.73 -19.85 -8.69
CA LEU B 360 13.31 -20.03 -7.37
C LEU B 360 12.71 -19.03 -6.40
N THR B 361 12.58 -19.45 -5.14
CA THR B 361 12.27 -18.50 -4.08
C THR B 361 13.41 -17.52 -3.92
N ASP B 362 13.11 -16.38 -3.30
CA ASP B 362 14.16 -15.41 -3.05
C ASP B 362 15.26 -15.98 -2.17
N GLU B 363 14.91 -16.81 -1.19
CA GLU B 363 15.91 -17.39 -0.30
C GLU B 363 16.94 -18.20 -1.08
N GLU B 364 16.47 -19.09 -1.96
CA GLU B 364 17.37 -19.91 -2.77
C GLU B 364 18.20 -19.03 -3.71
N GLY B 365 17.60 -18.00 -4.29
CA GLY B 365 18.35 -17.09 -5.13
C GLY B 365 19.46 -16.37 -4.39
N LYS B 366 19.15 -15.84 -3.21
CA LYS B 366 20.17 -15.17 -2.40
C LYS B 366 21.28 -16.14 -2.02
N GLU B 367 20.93 -17.39 -1.70
CA GLU B 367 21.95 -18.37 -1.36
C GLU B 367 22.87 -18.64 -2.55
N HIS B 368 22.29 -18.83 -3.73
CA HIS B 368 23.10 -19.04 -4.94
C HIS B 368 24.01 -17.85 -5.21
N LEU B 369 23.47 -16.63 -5.10
CA LEU B 369 24.29 -15.44 -5.30
C LEU B 369 25.41 -15.36 -4.26
N ARG B 370 25.12 -15.76 -3.02
CA ARG B 370 26.12 -15.76 -1.97
C ARG B 370 27.22 -16.77 -2.24
N LYS B 371 26.88 -17.90 -2.87
CA LYS B 371 27.87 -18.92 -3.20
C LYS B 371 28.34 -18.83 -4.65
N ARG B 372 28.35 -17.65 -5.23
CA ARG B 372 28.59 -17.55 -6.66
C ARG B 372 30.06 -17.80 -7.01
N THR B 373 30.29 -18.58 -8.08
CA THR B 373 31.59 -18.97 -8.63
C THR B 373 32.58 -17.88 -9.04
N LEU B 374 32.19 -17.16 -10.08
CA LEU B 374 32.97 -16.03 -10.55
C LEU B 374 32.64 -14.79 -9.72
N LYS B 375 33.57 -13.85 -9.69
CA LYS B 375 33.30 -12.52 -9.17
C LYS B 375 33.32 -11.54 -10.35
N LEU B 376 32.26 -10.76 -10.46
CA LEU B 376 32.10 -9.83 -11.57
C LEU B 376 31.57 -8.54 -11.01
N PRO B 377 31.88 -7.41 -11.65
CA PRO B 377 31.36 -6.12 -11.18
C PRO B 377 29.84 -6.13 -11.11
N PHE B 378 29.30 -5.27 -10.25
CA PHE B 378 27.87 -5.11 -9.98
C PHE B 378 27.23 -6.34 -9.38
N MET B 379 28.03 -7.30 -8.89
CA MET B 379 27.47 -8.57 -8.44
C MET B 379 26.45 -8.39 -7.31
N PHE B 380 26.72 -7.46 -6.39
CA PHE B 380 25.86 -7.27 -5.23
C PHE B 380 24.94 -6.08 -5.35
N ALA B 381 24.86 -5.44 -6.52
CA ALA B 381 23.98 -4.31 -6.72
C ALA B 381 22.51 -4.74 -6.70
N THR B 382 21.66 -3.85 -6.20
CA THR B 382 20.22 -4.03 -6.24
C THR B 382 19.59 -2.78 -6.84
N GLY B 383 18.47 -2.97 -7.53
CA GLY B 383 17.83 -1.83 -8.16
C GLY B 383 16.59 -2.24 -8.92
N GLU B 384 16.02 -1.27 -9.62
CA GLU B 384 14.78 -1.45 -10.36
C GLU B 384 15.03 -1.15 -11.84
N ALA B 385 14.15 -1.70 -12.68
CA ALA B 385 14.32 -1.59 -14.12
C ALA B 385 12.97 -1.41 -14.79
N VAL B 386 13.02 -1.03 -16.07
CA VAL B 386 11.86 -0.92 -16.94
C VAL B 386 12.22 -1.55 -18.27
N LEU B 387 11.22 -1.69 -19.14
CA LEU B 387 11.40 -2.34 -20.42
C LEU B 387 10.41 -1.78 -21.42
N TYR B 388 10.90 -1.41 -22.60
CA TYR B 388 10.09 -0.84 -23.67
C TYR B 388 10.23 -1.69 -24.92
N GLU B 389 9.77 -1.16 -26.05
CA GLU B 389 9.85 -1.86 -27.32
C GLU B 389 10.18 -0.93 -28.48
S1 DTT E . 32.10 -5.74 -19.84
C1 DTT E . 30.71 -5.65 -21.02
C2 DTT E . 30.85 -6.73 -22.09
O2 DTT E . 30.84 -6.09 -23.34
C3 DTT E . 29.73 -7.75 -22.08
O3 DTT E . 29.67 -8.38 -23.33
C4 DTT E . 29.94 -8.85 -21.04
S4 DTT E . 31.65 -9.44 -21.08
C01 A1LWK F . 12.93 -13.41 -21.37
C02 A1LWK F . 12.39 -14.68 -21.13
C03 A1LWK F . 13.23 -15.76 -20.88
C04 A1LWK F . 14.64 -15.57 -20.86
C05 A1LWK F . 15.17 -14.32 -21.10
C06 A1LWK F . 14.30 -13.22 -21.35
C07 A1LWK F . 16.56 -14.47 -21.01
C08 A1LWK F . 16.82 -15.79 -20.73
C10 A1LWK F . 18.22 -16.36 -20.57
C12 A1LWK F . 20.61 -16.59 -20.56
C13 A1LWK F . 21.99 -16.42 -20.67
C14 A1LWK F . 22.85 -17.48 -20.33
C15 A1LWK F . 22.31 -18.70 -19.88
C16 A1LWK F . 20.92 -18.89 -19.78
C17 A1LWK F . 20.06 -17.82 -20.12
C18 A1LWK F . 18.56 -17.71 -20.11
N09 A1LWK F . 15.67 -16.45 -20.64
N11 A1LWK F . 19.45 -15.65 -20.85
O19 A1LWK F . 17.78 -18.54 -19.80
O20 A1LWK F . 17.53 -13.49 -21.17
#